data_4IYN
#
_entry.id   4IYN
#
_cell.length_a   178.896
_cell.length_b   96.597
_cell.length_c   125.901
_cell.angle_alpha   90.00
_cell.angle_beta   134.26
_cell.angle_gamma   90.00
#
_symmetry.space_group_name_H-M   'C 1 2 1'
#
loop_
_entity.id
_entity.type
_entity.pdbx_description
1 polymer 'TNF receptor-associated protein 1'
2 non-polymer 'COBALT (II) ION'
3 non-polymer "ADENOSINE-5'-DIPHOSPHATE"
4 non-polymer 'TETRAFLUOROALUMINATE ION'
5 non-polymer 'MAGNESIUM ION'
6 water water
#
_entity_poly.entity_id   1
_entity_poly.type   'polypeptide(L)'
_entity_poly.pdbx_seq_one_letter_code
;MIRSLNLLKYSLNVSQRAQLRLLSSSKWTGHRIVPAAFTGVDTNGRQQLHQPRPFRLWSPSCSGVSVHHRSYSTQQHTEP
AEEETLHNIITDTENVQGSFSKHEFQAETKKLLDIVARSLYSEKEVFIRELISNGSDALEKLRHRMITAGGDTAPMEIHL
QTDSVKGTFTIQDTGVGMNKEDLVSNLGTIARSGSKAFLDALQNQAEASSSIIGQFGVGFYSAFMVADKVEVYSQSAEAD
APGYKWSSDGSGVFEVAEASGVRQGTKIVLHLKDDCKEFSSEDRVKEVVTKYSNFVSFPIFLNGRRLNTLQALWMMEPKD
ISEWQHEEFYRYVAQAYDKPRYTLHYRADAPLNIRSIFYVPEMKPSMFDVSREMGSSVALYSRKILIQTKATDILPKWLR
FLRGVVDSEDIPLNLSRELLQESALIRKLRDVLQQRVIRFLLDQSKKDPEKYARFFEDYGLFMREGIVTTGEQSVKEDIA
KLLRFESSALPAGQQTSLMEYSSRMKAGTRNIYYLCAPNRHLAEHSPYFEAMKQKDMEVLFCFEQFDELTLLHLREFDRK
KLISAETDIVVDHYKEEKFQDSKPASERLSSEQAEDLLAWMRNALVQRVTNIKVTPRLDTHPAMITVLEMGAARHFLRTQ
QLARSSEERAQILQPTLEINTGHDLIKKLHALKDSNPELAQLLLEQIYDNAMIAAGLNEDPRPMISRLNQLLTRALEKH
;
_entity_poly.pdbx_strand_id   A,B
#
loop_
_chem_comp.id
_chem_comp.type
_chem_comp.name
_chem_comp.formula
ADP non-polymer ADENOSINE-5'-DIPHOSPHATE 'C10 H15 N5 O10 P2'
ALF non-polymer 'TETRAFLUOROALUMINATE ION' 'Al F4 -1'
CO non-polymer 'COBALT (II) ION' 'Co 2'
MG non-polymer 'MAGNESIUM ION' 'Mg 2'
#
# COMPACT_ATOMS: atom_id res chain seq x y z
N THR A 85 20.27 7.62 -41.34
CA THR A 85 21.23 7.04 -40.41
C THR A 85 20.74 5.69 -39.88
N LEU A 86 20.08 4.93 -40.74
CA LEU A 86 19.44 3.67 -40.35
C LEU A 86 20.36 2.45 -40.54
N HIS A 87 20.21 1.47 -39.65
CA HIS A 87 20.97 0.22 -39.73
C HIS A 87 20.03 -0.96 -39.51
N ASN A 88 19.57 -1.57 -40.59
CA ASN A 88 18.69 -2.73 -40.48
C ASN A 88 19.26 -3.87 -41.32
N ILE A 89 19.32 -5.06 -40.71
CA ILE A 89 19.86 -6.23 -41.37
C ILE A 89 18.74 -7.18 -41.80
N ILE A 90 17.52 -6.89 -41.33
CA ILE A 90 16.35 -7.67 -41.71
C ILE A 90 16.00 -7.40 -43.18
N THR A 91 16.24 -8.40 -44.01
CA THR A 91 15.98 -8.31 -45.44
C THR A 91 15.31 -9.59 -45.95
N ASP A 92 14.34 -9.43 -46.84
CA ASP A 92 13.59 -10.54 -47.44
C ASP A 92 14.43 -11.26 -48.48
N THR A 93 15.30 -12.17 -48.02
CA THR A 93 16.28 -12.81 -48.91
C THR A 93 16.22 -14.34 -48.90
N GLU A 94 15.31 -14.90 -48.11
CA GLU A 94 15.26 -16.34 -47.93
C GLU A 94 14.36 -17.03 -48.95
N ASN A 95 14.84 -18.13 -49.51
CA ASN A 95 14.05 -18.94 -50.43
C ASN A 95 14.17 -20.42 -50.09
N VAL A 96 13.03 -21.12 -50.08
CA VAL A 96 13.02 -22.54 -49.70
C VAL A 96 13.60 -23.45 -50.78
N GLN A 97 14.61 -24.23 -50.41
CA GLN A 97 15.23 -25.19 -51.32
C GLN A 97 14.79 -26.60 -50.95
N GLY A 98 14.37 -27.37 -51.95
CA GLY A 98 13.98 -28.76 -51.74
C GLY A 98 12.60 -28.97 -51.16
N SER A 99 12.42 -30.12 -50.51
CA SER A 99 11.13 -30.50 -49.96
C SER A 99 11.14 -30.41 -48.44
N PHE A 100 9.98 -30.19 -47.85
CA PHE A 100 9.86 -30.03 -46.40
C PHE A 100 9.64 -31.37 -45.67
N SER A 101 10.01 -31.40 -44.39
CA SER A 101 9.72 -32.54 -43.51
C SER A 101 8.55 -32.15 -42.61
N LYS A 102 7.81 -33.14 -42.13
CA LYS A 102 6.76 -32.89 -41.16
C LYS A 102 7.16 -33.52 -39.85
N HIS A 103 6.86 -32.83 -38.76
CA HIS A 103 7.15 -33.33 -37.44
C HIS A 103 5.98 -32.99 -36.55
N GLU A 104 5.85 -33.69 -35.44
CA GLU A 104 4.87 -33.35 -34.44
C GLU A 104 5.60 -32.84 -33.22
N PHE A 105 5.03 -31.84 -32.56
CA PHE A 105 5.57 -31.36 -31.31
C PHE A 105 5.70 -32.49 -30.30
N GLN A 106 6.82 -32.50 -29.57
CA GLN A 106 7.05 -33.49 -28.53
C GLN A 106 7.17 -32.80 -27.17
N ALA A 107 7.46 -33.58 -26.13
CA ALA A 107 7.67 -33.04 -24.79
C ALA A 107 8.81 -33.76 -24.09
N GLU A 108 9.66 -33.00 -23.40
CA GLU A 108 10.68 -33.63 -22.57
C GLU A 108 10.00 -34.00 -21.25
N THR A 109 9.38 -35.17 -21.25
CA THR A 109 8.47 -35.59 -20.19
C THR A 109 9.01 -35.50 -18.75
N LYS A 110 10.24 -35.98 -18.54
CA LYS A 110 10.82 -35.97 -17.19
C LYS A 110 11.08 -34.55 -16.69
N LYS A 111 11.58 -33.69 -17.57
CA LYS A 111 11.81 -32.32 -17.18
C LYS A 111 10.50 -31.55 -16.99
N LEU A 112 9.51 -31.82 -17.83
CA LEU A 112 8.21 -31.16 -17.71
C LEU A 112 7.50 -31.48 -16.37
N LEU A 113 7.63 -32.73 -15.94
CA LEU A 113 7.11 -33.16 -14.63
C LEU A 113 7.71 -32.33 -13.50
N ASP A 114 9.00 -32.08 -13.60
CA ASP A 114 9.68 -31.27 -12.60
C ASP A 114 9.17 -29.83 -12.57
N ILE A 115 9.09 -29.20 -13.74
CA ILE A 115 8.52 -27.86 -13.89
C ILE A 115 7.08 -27.78 -13.35
N VAL A 116 6.28 -28.76 -13.73
CA VAL A 116 4.91 -28.80 -13.26
C VAL A 116 4.84 -29.08 -11.73
N ALA A 117 5.78 -29.85 -11.19
CA ALA A 117 5.78 -30.12 -9.74
C ALA A 117 6.28 -28.94 -8.89
N ARG A 118 7.19 -28.15 -9.45
CA ARG A 118 7.97 -27.23 -8.64
C ARG A 118 7.97 -25.76 -9.09
N SER A 119 7.66 -25.50 -10.34
CA SER A 119 7.85 -24.17 -10.92
C SER A 119 6.57 -23.42 -11.31
N LEU A 120 5.43 -23.84 -10.80
CA LEU A 120 4.18 -23.21 -11.22
C LEU A 120 3.70 -22.16 -10.25
N TYR A 121 3.97 -22.36 -8.96
CA TYR A 121 3.26 -21.60 -7.94
C TYR A 121 4.21 -20.76 -7.12
N SER A 122 3.70 -19.68 -6.54
CA SER A 122 4.53 -18.85 -5.68
C SER A 122 4.82 -19.50 -4.31
N GLU A 123 4.04 -20.52 -3.91
CA GLU A 123 4.25 -21.19 -2.62
C GLU A 123 4.06 -22.72 -2.62
N LYS A 124 5.01 -23.45 -2.02
CA LYS A 124 4.88 -24.91 -1.82
C LYS A 124 3.53 -25.34 -1.24
N GLU A 125 3.05 -24.57 -0.26
CA GLU A 125 1.93 -24.96 0.59
C GLU A 125 0.64 -25.18 -0.23
N VAL A 126 0.72 -24.82 -1.51
CA VAL A 126 -0.39 -24.78 -2.41
C VAL A 126 -0.80 -26.18 -2.88
N PHE A 127 0.07 -27.17 -2.62
CA PHE A 127 -0.33 -28.56 -2.89
C PHE A 127 -1.59 -28.98 -2.10
N ILE A 128 -1.81 -28.35 -0.94
CA ILE A 128 -2.98 -28.61 -0.12
C ILE A 128 -4.27 -28.10 -0.79
N ARG A 129 -4.22 -26.89 -1.34
CA ARG A 129 -5.28 -26.33 -2.15
C ARG A 129 -5.56 -27.28 -3.28
N GLU A 130 -4.49 -27.70 -3.96
CA GLU A 130 -4.63 -28.55 -5.13
C GLU A 130 -5.28 -29.90 -4.81
N LEU A 131 -4.75 -30.59 -3.80
CA LEU A 131 -5.32 -31.89 -3.40
C LEU A 131 -6.77 -31.80 -2.89
N ILE A 132 -7.09 -30.72 -2.17
CA ILE A 132 -8.47 -30.53 -1.69
C ILE A 132 -9.41 -30.21 -2.87
N SER A 133 -8.92 -29.47 -3.87
CA SER A 133 -9.77 -29.16 -5.02
C SER A 133 -10.08 -30.47 -5.75
N ASN A 134 -9.08 -31.36 -5.79
CA ASN A 134 -9.28 -32.64 -6.42
C ASN A 134 -10.34 -33.51 -5.70
N GLY A 135 -10.32 -33.48 -4.36
CA GLY A 135 -11.29 -34.19 -3.56
C GLY A 135 -12.68 -33.62 -3.78
N SER A 136 -12.77 -32.31 -3.82
CA SER A 136 -14.03 -31.63 -4.10
C SER A 136 -14.62 -32.08 -5.43
N ASP A 137 -13.79 -32.05 -6.47
CA ASP A 137 -14.24 -32.46 -7.79
C ASP A 137 -14.72 -33.91 -7.79
N ALA A 138 -13.99 -34.78 -7.08
CA ALA A 138 -14.38 -36.18 -6.99
C ALA A 138 -15.74 -36.33 -6.32
N LEU A 139 -15.99 -35.49 -5.32
CA LEU A 139 -17.27 -35.53 -4.63
C LEU A 139 -18.39 -34.96 -5.50
N GLU A 140 -18.06 -33.94 -6.27
CA GLU A 140 -19.04 -33.27 -7.08
C GLU A 140 -19.48 -34.24 -8.17
N LYS A 141 -18.51 -34.96 -8.74
CA LYS A 141 -18.83 -35.94 -9.78
C LYS A 141 -19.74 -37.05 -9.25
N LEU A 142 -19.47 -37.50 -8.03
CA LEU A 142 -20.30 -38.54 -7.44
C LEU A 142 -21.67 -37.98 -7.21
N ARG A 143 -21.76 -36.78 -6.63
CA ARG A 143 -23.05 -36.13 -6.45
C ARG A 143 -23.77 -36.07 -7.80
N HIS A 144 -23.05 -35.66 -8.85
CA HIS A 144 -23.68 -35.59 -10.17
C HIS A 144 -24.20 -36.94 -10.64
N ARG A 145 -23.47 -38.01 -10.42
CA ARG A 145 -23.93 -39.31 -10.89
C ARG A 145 -25.15 -39.85 -10.12
N MET A 146 -25.28 -39.48 -8.85
CA MET A 146 -26.41 -39.90 -8.04
C MET A 146 -27.75 -39.24 -8.41
N ILE A 147 -27.70 -38.15 -9.19
CA ILE A 147 -28.95 -37.55 -9.68
C ILE A 147 -29.76 -38.57 -10.49
N THR A 148 -29.06 -39.40 -11.28
CA THR A 148 -29.74 -40.46 -12.06
C THR A 148 -29.64 -41.86 -11.46
N ALA A 149 -28.42 -42.33 -11.27
CA ALA A 149 -28.19 -43.68 -10.75
C ALA A 149 -28.03 -43.61 -9.25
N GLY A 150 -29.15 -43.40 -8.56
CA GLY A 150 -29.14 -43.20 -7.14
C GLY A 150 -28.54 -44.40 -6.46
N GLY A 151 -27.57 -44.15 -5.58
CA GLY A 151 -26.92 -45.24 -4.90
C GLY A 151 -27.12 -45.15 -3.41
N ASP A 152 -26.09 -45.58 -2.67
CA ASP A 152 -26.11 -45.57 -1.22
C ASP A 152 -25.58 -44.24 -0.70
N THR A 153 -26.47 -43.46 -0.08
CA THR A 153 -26.14 -42.15 0.48
C THR A 153 -24.93 -42.50 1.35
N ALA A 154 -23.74 -42.17 0.86
CA ALA A 154 -22.52 -42.32 1.64
C ALA A 154 -22.18 -40.85 1.87
N PRO A 155 -21.61 -40.55 3.04
CA PRO A 155 -21.34 -39.15 3.36
C PRO A 155 -20.26 -38.60 2.44
N MET A 156 -20.39 -37.34 2.07
CA MET A 156 -19.48 -36.72 1.13
C MET A 156 -18.53 -35.80 1.89
N GLU A 157 -17.29 -36.26 2.09
CA GLU A 157 -16.35 -35.51 2.91
C GLU A 157 -14.89 -35.67 2.50
N ILE A 158 -14.06 -34.76 3.00
CA ILE A 158 -12.65 -34.69 2.72
C ILE A 158 -11.94 -34.74 4.09
N HIS A 159 -11.13 -35.79 4.31
CA HIS A 159 -10.39 -35.91 5.57
C HIS A 159 -8.91 -35.74 5.35
N LEU A 160 -8.30 -34.97 6.24
CA LEU A 160 -6.86 -34.76 6.24
C LEU A 160 -6.30 -35.36 7.53
N GLN A 161 -5.12 -35.96 7.44
CA GLN A 161 -4.48 -36.50 8.62
C GLN A 161 -3.00 -36.21 8.59
N THR A 162 -2.49 -35.70 9.71
CA THR A 162 -1.07 -35.46 9.85
C THR A 162 -0.45 -36.49 10.79
N ASP A 163 0.82 -36.80 10.56
CA ASP A 163 1.56 -37.66 11.47
C ASP A 163 2.94 -37.01 11.61
N SER A 164 3.14 -36.35 12.73
CA SER A 164 4.35 -35.58 12.95
C SER A 164 5.55 -36.47 13.29
N VAL A 165 5.32 -37.74 13.63
CA VAL A 165 6.45 -38.64 13.89
C VAL A 165 7.04 -39.22 12.60
N LYS A 166 6.17 -39.51 11.62
CA LYS A 166 6.60 -40.12 10.38
C LYS A 166 6.89 -39.06 9.34
N GLY A 167 6.34 -37.87 9.54
CA GLY A 167 6.45 -36.81 8.55
C GLY A 167 5.54 -37.05 7.36
N THR A 168 4.29 -37.42 7.62
CA THR A 168 3.34 -37.67 6.53
C THR A 168 2.14 -36.74 6.54
N PHE A 169 1.66 -36.45 5.33
CA PHE A 169 0.39 -35.79 5.13
C PHE A 169 -0.47 -36.72 4.29
N THR A 170 -1.70 -36.92 4.75
CA THR A 170 -2.63 -37.84 4.14
C THR A 170 -3.96 -37.11 3.90
N ILE A 171 -4.49 -37.25 2.69
CA ILE A 171 -5.81 -36.71 2.40
C ILE A 171 -6.70 -37.80 1.80
N GLN A 172 -7.93 -37.90 2.27
CA GLN A 172 -8.86 -38.87 1.72
C GLN A 172 -10.25 -38.29 1.42
N ASP A 173 -10.80 -38.60 0.26
CA ASP A 173 -12.15 -38.14 -0.06
C ASP A 173 -13.01 -39.35 -0.33
N THR A 174 -14.32 -39.21 -0.17
CA THR A 174 -15.23 -40.34 -0.38
C THR A 174 -15.95 -40.18 -1.70
N GLY A 175 -15.24 -39.63 -2.69
CA GLY A 175 -15.88 -39.36 -3.96
C GLY A 175 -15.78 -40.50 -4.95
N VAL A 176 -15.74 -40.13 -6.22
CA VAL A 176 -15.88 -41.09 -7.31
C VAL A 176 -14.75 -42.14 -7.46
N GLY A 177 -13.55 -41.82 -6.99
CA GLY A 177 -12.44 -42.76 -7.13
C GLY A 177 -11.95 -42.89 -8.57
N MET A 178 -11.12 -43.90 -8.83
CA MET A 178 -10.45 -44.11 -10.11
C MET A 178 -10.13 -45.61 -10.26
N ASN A 179 -10.59 -46.24 -11.34
CA ASN A 179 -10.19 -47.61 -11.64
C ASN A 179 -8.77 -47.61 -12.18
N LYS A 180 -8.24 -48.77 -12.57
CA LYS A 180 -6.85 -48.83 -13.02
C LYS A 180 -6.55 -47.93 -14.23
N GLU A 181 -7.44 -47.95 -15.23
CA GLU A 181 -7.28 -47.12 -16.43
C GLU A 181 -7.18 -45.64 -16.11
N ASP A 182 -8.04 -45.18 -15.22
CA ASP A 182 -8.14 -43.78 -14.93
C ASP A 182 -6.98 -43.26 -14.07
N LEU A 183 -6.41 -44.13 -13.24
CA LEU A 183 -5.20 -43.78 -12.47
C LEU A 183 -4.05 -43.60 -13.43
N VAL A 184 -3.85 -44.61 -14.27
CA VAL A 184 -2.82 -44.55 -15.31
C VAL A 184 -3.00 -43.30 -16.17
N SER A 185 -4.19 -43.11 -16.71
CA SER A 185 -4.46 -41.98 -17.59
C SER A 185 -4.37 -40.61 -16.92
N ASN A 186 -5.14 -40.40 -15.86
CA ASN A 186 -5.24 -39.09 -15.21
C ASN A 186 -3.97 -38.66 -14.47
N LEU A 187 -3.43 -39.56 -13.66
CA LEU A 187 -2.25 -39.23 -12.87
C LEU A 187 -0.99 -39.38 -13.69
N GLY A 188 -0.97 -40.36 -14.60
CA GLY A 188 0.23 -40.67 -15.37
C GLY A 188 0.47 -39.76 -16.57
N THR A 189 -0.53 -38.97 -16.94
CA THR A 189 -0.39 -38.09 -18.09
C THR A 189 -0.46 -36.61 -17.67
N ILE A 190 0.67 -35.92 -17.82
CA ILE A 190 0.72 -34.47 -17.56
C ILE A 190 -0.24 -33.71 -18.49
N ALA A 191 -1.05 -32.81 -17.91
CA ALA A 191 -2.09 -32.03 -18.60
C ALA A 191 -3.41 -32.78 -18.92
N ARG A 192 -3.44 -34.10 -18.74
CA ARG A 192 -4.70 -34.81 -18.90
C ARG A 192 -5.60 -34.54 -17.69
N SER A 193 -6.79 -34.03 -17.96
CA SER A 193 -7.75 -33.68 -16.91
C SER A 193 -9.11 -34.38 -17.08
N GLY A 194 -9.37 -35.37 -16.25
CA GLY A 194 -10.63 -36.10 -16.34
C GLY A 194 -11.77 -35.17 -15.95
N SER A 195 -11.48 -34.22 -15.04
CA SER A 195 -12.49 -33.27 -14.61
C SER A 195 -12.92 -32.35 -15.74
N LYS A 196 -11.96 -31.92 -16.54
CA LYS A 196 -12.29 -31.04 -17.66
C LYS A 196 -13.12 -31.76 -18.70
N ALA A 197 -12.77 -33.01 -18.98
CA ALA A 197 -13.54 -33.79 -19.96
C ALA A 197 -14.96 -33.99 -19.42
N PHE A 198 -15.07 -34.26 -18.12
CA PHE A 198 -16.37 -34.39 -17.46
C PHE A 198 -17.17 -33.09 -17.61
N LEU A 199 -16.56 -31.95 -17.32
CA LEU A 199 -17.22 -30.65 -17.49
C LEU A 199 -17.70 -30.43 -18.90
N ASP A 200 -16.85 -30.75 -19.88
CA ASP A 200 -17.18 -30.50 -21.28
C ASP A 200 -18.43 -31.30 -21.69
N ALA A 201 -18.65 -32.47 -21.08
CA ALA A 201 -19.81 -33.25 -21.49
C ALA A 201 -21.09 -32.91 -20.73
N LEU A 202 -21.06 -31.93 -19.82
CA LEU A 202 -22.28 -31.65 -19.03
C LEU A 202 -23.30 -30.77 -19.76
N GLN A 203 -24.58 -30.94 -19.44
CA GLN A 203 -25.57 -29.91 -19.70
C GLN A 203 -25.00 -28.61 -19.10
N ASN A 204 -25.12 -27.49 -19.83
CA ASN A 204 -24.56 -26.24 -19.35
C ASN A 204 -25.26 -25.76 -18.05
N GLN A 205 -26.51 -26.20 -17.86
CA GLN A 205 -27.31 -25.88 -16.67
C GLN A 205 -27.11 -26.83 -15.46
N ALA A 206 -26.39 -27.94 -15.65
CA ALA A 206 -26.14 -28.85 -14.54
C ALA A 206 -25.40 -28.07 -13.44
N GLU A 207 -25.79 -28.29 -12.19
CA GLU A 207 -25.16 -27.58 -11.07
C GLU A 207 -23.67 -27.81 -11.06
N ALA A 208 -23.25 -29.01 -11.42
CA ALA A 208 -21.83 -29.35 -11.39
C ALA A 208 -20.98 -28.50 -12.36
N SER A 209 -21.61 -27.96 -13.42
CA SER A 209 -20.88 -27.13 -14.39
C SER A 209 -20.17 -26.01 -13.72
N SER A 210 -20.80 -25.46 -12.70
CA SER A 210 -20.21 -24.27 -12.11
C SER A 210 -19.32 -24.53 -10.90
N SER A 211 -19.22 -25.78 -10.46
CA SER A 211 -18.46 -26.06 -9.23
C SER A 211 -17.20 -26.97 -9.37
N ILE A 212 -17.07 -27.66 -10.50
CA ILE A 212 -15.86 -28.43 -10.81
C ILE A 212 -14.70 -27.48 -11.02
N ILE A 213 -13.62 -27.71 -10.29
CA ILE A 213 -12.50 -26.80 -10.21
C ILE A 213 -11.45 -27.05 -11.31
N GLY A 214 -11.18 -28.32 -11.58
CA GLY A 214 -10.04 -28.71 -12.41
C GLY A 214 -10.11 -28.46 -13.91
N GLN A 215 -9.02 -27.92 -14.47
CA GLN A 215 -8.92 -27.64 -15.91
C GLN A 215 -7.65 -28.21 -16.51
N PHE A 216 -6.53 -27.73 -15.99
CA PHE A 216 -5.24 -27.93 -16.62
C PHE A 216 -4.65 -29.33 -16.56
N GLY A 217 -5.08 -30.14 -15.58
CA GLY A 217 -4.60 -31.50 -15.51
C GLY A 217 -3.16 -31.63 -14.99
N VAL A 218 -2.73 -30.65 -14.19
CA VAL A 218 -1.37 -30.64 -13.60
C VAL A 218 -1.29 -30.40 -12.07
N GLY A 219 -2.39 -29.97 -11.44
CA GLY A 219 -2.33 -29.61 -10.03
C GLY A 219 -1.84 -30.72 -9.11
N PHE A 220 -2.18 -31.96 -9.45
CA PHE A 220 -1.79 -33.11 -8.62
C PHE A 220 -0.27 -33.19 -8.40
N TYR A 221 0.49 -32.78 -9.42
CA TYR A 221 1.94 -32.94 -9.36
C TYR A 221 2.57 -32.02 -8.32
N SER A 222 1.83 -31.02 -7.85
CA SER A 222 2.32 -30.13 -6.79
C SER A 222 2.78 -30.90 -5.56
N ALA A 223 2.25 -32.11 -5.39
CA ALA A 223 2.62 -32.97 -4.26
C ALA A 223 4.13 -33.28 -4.25
N PHE A 224 4.71 -33.40 -5.45
CA PHE A 224 6.11 -33.77 -5.53
C PHE A 224 7.05 -32.66 -5.11
N MET A 225 6.53 -31.44 -5.00
CA MET A 225 7.31 -30.34 -4.48
C MET A 225 7.67 -30.56 -2.99
N VAL A 226 6.76 -31.23 -2.27
CA VAL A 226 6.88 -31.33 -0.82
C VAL A 226 7.07 -32.76 -0.34
N ALA A 227 6.98 -33.71 -1.27
CA ALA A 227 7.08 -35.13 -0.91
C ALA A 227 8.15 -35.87 -1.70
N ASP A 228 8.89 -36.73 -1.01
CA ASP A 228 9.83 -37.64 -1.67
C ASP A 228 9.09 -38.79 -2.34
N LYS A 229 7.92 -39.14 -1.80
CA LYS A 229 7.17 -40.30 -2.26
C LYS A 229 5.67 -40.05 -2.13
N VAL A 230 4.93 -40.41 -3.17
CA VAL A 230 3.49 -40.22 -3.16
C VAL A 230 2.80 -41.55 -3.40
N GLU A 231 1.83 -41.88 -2.57
CA GLU A 231 1.06 -43.11 -2.73
C GLU A 231 -0.40 -42.75 -2.82
N VAL A 232 -1.07 -43.31 -3.81
CA VAL A 232 -2.48 -43.03 -4.03
C VAL A 232 -3.25 -44.34 -3.97
N TYR A 233 -4.21 -44.42 -3.06
CA TYR A 233 -5.10 -45.58 -3.02
C TYR A 233 -6.45 -45.18 -3.56
N SER A 234 -6.99 -45.95 -4.50
CA SER A 234 -8.27 -45.58 -5.10
C SER A 234 -9.18 -46.76 -5.38
N GLN A 235 -10.46 -46.56 -5.04
CA GLN A 235 -11.50 -47.53 -5.29
C GLN A 235 -12.65 -46.81 -5.99
N SER A 236 -12.97 -47.21 -7.22
CA SER A 236 -14.09 -46.62 -7.95
C SER A 236 -15.39 -47.27 -7.50
N ALA A 237 -16.51 -46.58 -7.73
CA ALA A 237 -17.83 -47.15 -7.54
C ALA A 237 -18.22 -47.82 -8.83
N GLU A 238 -17.92 -49.12 -8.96
CA GLU A 238 -18.05 -49.76 -10.27
C GLU A 238 -18.52 -51.20 -10.24
N ALA A 239 -18.20 -51.92 -11.31
CA ALA A 239 -18.61 -53.32 -11.47
C ALA A 239 -17.79 -54.23 -10.55
N ASP A 240 -17.84 -53.93 -9.25
CA ASP A 240 -16.98 -54.55 -8.26
C ASP A 240 -15.50 -54.51 -8.67
N ALA A 241 -15.07 -53.36 -9.19
CA ALA A 241 -13.67 -53.12 -9.53
C ALA A 241 -12.78 -53.30 -8.30
N PRO A 242 -11.59 -53.89 -8.47
CA PRO A 242 -10.70 -53.99 -7.29
C PRO A 242 -10.11 -52.63 -7.00
N GLY A 243 -9.65 -52.42 -5.77
CA GLY A 243 -8.93 -51.20 -5.42
C GLY A 243 -7.51 -51.27 -5.99
N TYR A 244 -6.90 -50.11 -6.16
CA TYR A 244 -5.55 -50.05 -6.70
C TYR A 244 -4.66 -49.11 -5.91
N LYS A 245 -3.36 -49.36 -5.96
CA LYS A 245 -2.37 -48.46 -5.39
C LYS A 245 -1.47 -47.93 -6.50
N TRP A 246 -1.37 -46.61 -6.55
CA TRP A 246 -0.51 -45.89 -7.48
C TRP A 246 0.60 -45.25 -6.63
N SER A 247 1.86 -45.38 -7.07
CA SER A 247 2.96 -44.82 -6.30
C SER A 247 4.14 -44.39 -7.16
N SER A 248 4.77 -43.29 -6.75
CA SER A 248 5.86 -42.70 -7.51
C SER A 248 6.75 -41.91 -6.57
N ASP A 249 8.04 -41.81 -6.91
CA ASP A 249 8.93 -40.87 -6.23
C ASP A 249 8.94 -39.53 -6.99
N GLY A 250 8.38 -39.56 -8.19
CA GLY A 250 8.21 -38.37 -8.99
C GLY A 250 9.33 -38.11 -9.98
N SER A 251 10.05 -39.16 -10.37
CA SER A 251 11.20 -38.99 -11.26
C SER A 251 11.04 -39.66 -12.64
N GLY A 252 9.83 -39.63 -13.19
CA GLY A 252 9.63 -40.17 -14.53
C GLY A 252 8.94 -41.51 -14.60
N VAL A 253 8.83 -42.19 -13.46
CA VAL A 253 8.24 -43.54 -13.42
C VAL A 253 7.26 -43.68 -12.25
N PHE A 254 6.20 -44.46 -12.46
CA PHE A 254 5.28 -44.78 -11.38
C PHE A 254 4.85 -46.23 -11.45
N GLU A 255 4.32 -46.74 -10.34
CA GLU A 255 3.93 -48.14 -10.24
C GLU A 255 2.46 -48.26 -9.89
N VAL A 256 1.83 -49.34 -10.34
CA VAL A 256 0.43 -49.59 -10.05
C VAL A 256 0.25 -51.03 -9.65
N ALA A 257 -0.40 -51.26 -8.52
CA ALA A 257 -0.69 -52.62 -8.09
C ALA A 257 -2.11 -52.68 -7.57
N GLU A 258 -2.69 -53.88 -7.58
CA GLU A 258 -4.01 -54.07 -7.01
C GLU A 258 -3.92 -53.96 -5.49
N ALA A 259 -4.98 -53.48 -4.86
CA ALA A 259 -4.99 -53.31 -3.41
C ALA A 259 -6.36 -53.62 -2.82
N SER A 260 -6.36 -53.93 -1.52
CA SER A 260 -7.56 -54.02 -0.71
C SER A 260 -7.13 -53.47 0.63
N GLY A 261 -8.04 -53.19 1.56
CA GLY A 261 -9.40 -52.84 1.28
C GLY A 261 -9.36 -51.32 1.22
N VAL A 262 -9.35 -50.80 -0.01
CA VAL A 262 -9.48 -49.38 -0.23
C VAL A 262 -10.95 -49.03 -0.12
N ARG A 263 -11.27 -48.05 0.71
CA ARG A 263 -12.62 -47.51 0.75
C ARG A 263 -12.92 -46.74 -0.53
N GLN A 264 -14.18 -46.77 -0.94
CA GLN A 264 -14.69 -45.98 -2.07
C GLN A 264 -14.14 -44.55 -2.02
N GLY A 265 -13.53 -44.13 -3.12
CA GLY A 265 -12.93 -42.81 -3.14
C GLY A 265 -11.43 -42.96 -3.22
N THR A 266 -10.72 -41.95 -2.72
CA THR A 266 -9.29 -41.85 -2.97
C THR A 266 -8.52 -41.41 -1.74
N LYS A 267 -7.47 -42.16 -1.41
CA LYS A 267 -6.56 -41.78 -0.34
C LYS A 267 -5.16 -41.49 -0.89
N ILE A 268 -4.61 -40.35 -0.49
CA ILE A 268 -3.30 -39.96 -0.95
C ILE A 268 -2.40 -39.74 0.25
N VAL A 269 -1.27 -40.44 0.27
CA VAL A 269 -0.31 -40.33 1.36
C VAL A 269 0.96 -39.67 0.87
N LEU A 270 1.31 -38.53 1.44
CA LEU A 270 2.56 -37.87 1.07
C LEU A 270 3.64 -38.13 2.13
N HIS A 271 4.77 -38.66 1.71
CA HIS A 271 5.91 -38.78 2.63
C HIS A 271 6.76 -37.53 2.47
N LEU A 272 6.67 -36.63 3.45
CA LEU A 272 7.15 -35.27 3.27
C LEU A 272 8.67 -35.22 3.33
N LYS A 273 9.23 -34.36 2.48
CA LYS A 273 10.66 -34.11 2.50
C LYS A 273 11.02 -33.44 3.81
N ASP A 274 12.22 -33.71 4.28
CA ASP A 274 12.75 -33.09 5.49
C ASP A 274 12.48 -31.59 5.59
N ASP A 275 12.69 -30.88 4.50
CA ASP A 275 12.48 -29.45 4.54
C ASP A 275 11.00 -29.05 4.43
N CYS A 276 10.10 -30.04 4.35
CA CYS A 276 8.67 -29.76 4.27
C CYS A 276 7.89 -30.43 5.41
N LYS A 277 8.58 -30.70 6.52
CA LYS A 277 7.97 -31.43 7.64
CA LYS A 277 7.96 -31.43 7.62
C LYS A 277 6.85 -30.63 8.31
N GLU A 278 6.85 -29.31 8.11
CA GLU A 278 5.87 -28.44 8.71
C GLU A 278 4.43 -28.85 8.31
N PHE A 279 4.31 -29.50 7.15
CA PHE A 279 3.02 -29.96 6.65
C PHE A 279 2.54 -31.25 7.31
N SER A 280 3.37 -31.81 8.20
CA SER A 280 2.91 -32.85 9.11
C SER A 280 2.51 -32.23 10.46
N SER A 281 2.59 -30.90 10.53
CA SER A 281 2.07 -30.18 11.70
C SER A 281 0.62 -29.74 11.50
N GLU A 282 -0.23 -30.10 12.47
CA GLU A 282 -1.65 -29.81 12.42
C GLU A 282 -1.96 -28.31 12.25
N ASP A 283 -1.32 -27.47 13.07
CA ASP A 283 -1.57 -26.04 13.05
C ASP A 283 -1.25 -25.40 11.71
N ARG A 284 -0.15 -25.81 11.11
CA ARG A 284 0.26 -25.33 9.81
C ARG A 284 -0.73 -25.74 8.71
N VAL A 285 -1.12 -27.01 8.69
CA VAL A 285 -2.07 -27.47 7.68
C VAL A 285 -3.37 -26.66 7.80
N LYS A 286 -3.86 -26.53 9.03
CA LYS A 286 -5.04 -25.74 9.31
C LYS A 286 -4.95 -24.33 8.71
N GLU A 287 -3.81 -23.66 8.90
CA GLU A 287 -3.61 -22.33 8.32
C GLU A 287 -3.84 -22.32 6.81
N VAL A 288 -3.37 -23.37 6.14
CA VAL A 288 -3.41 -23.43 4.68
C VAL A 288 -4.83 -23.69 4.17
N VAL A 289 -5.48 -24.67 4.77
CA VAL A 289 -6.89 -24.98 4.51
C VAL A 289 -7.74 -23.73 4.63
N THR A 290 -7.63 -23.01 5.75
CA THR A 290 -8.47 -21.81 5.92
C THR A 290 -8.12 -20.71 4.93
N LYS A 291 -6.86 -20.61 4.54
CA LYS A 291 -6.49 -19.59 3.59
C LYS A 291 -7.14 -19.75 2.19
N TYR A 292 -7.03 -20.96 1.64
CA TYR A 292 -7.42 -21.17 0.26
C TYR A 292 -8.79 -21.84 0.10
N SER A 293 -9.14 -22.69 1.08
CA SER A 293 -10.11 -23.75 0.89
C SER A 293 -11.25 -23.65 1.87
N ASN A 294 -11.32 -22.53 2.56
CA ASN A 294 -12.29 -22.32 3.62
C ASN A 294 -13.76 -22.40 3.19
N PHE A 295 -14.05 -22.21 1.90
CA PHE A 295 -15.44 -22.16 1.47
C PHE A 295 -15.82 -23.31 0.55
N VAL A 296 -14.92 -24.30 0.51
CA VAL A 296 -15.13 -25.55 -0.22
C VAL A 296 -16.49 -26.13 0.21
N SER A 297 -17.27 -26.64 -0.74
CA SER A 297 -18.63 -27.10 -0.48
C SER A 297 -18.70 -28.20 0.60
N PHE A 298 -17.82 -29.18 0.49
CA PHE A 298 -17.90 -30.39 1.32
C PHE A 298 -17.15 -30.23 2.63
N PRO A 299 -17.64 -30.86 3.71
CA PRO A 299 -17.00 -30.82 5.03
C PRO A 299 -15.54 -31.25 4.95
N ILE A 300 -14.65 -30.43 5.52
CA ILE A 300 -13.24 -30.82 5.66
C ILE A 300 -12.93 -31.19 7.11
N PHE A 301 -12.40 -32.39 7.31
CA PHE A 301 -11.97 -32.79 8.64
C PHE A 301 -10.45 -32.92 8.67
N LEU A 302 -9.84 -32.38 9.71
CA LEU A 302 -8.40 -32.50 9.97
C LEU A 302 -8.20 -33.25 11.28
N ASN A 303 -7.56 -34.42 11.19
CA ASN A 303 -7.37 -35.32 12.33
C ASN A 303 -8.65 -35.53 13.12
N GLY A 304 -9.76 -35.61 12.40
CA GLY A 304 -11.04 -35.92 13.00
C GLY A 304 -11.80 -34.70 13.47
N ARG A 305 -11.29 -33.51 13.17
CA ARG A 305 -11.95 -32.27 13.58
C ARG A 305 -12.35 -31.41 12.39
N ARG A 306 -13.58 -30.87 12.44
CA ARG A 306 -14.17 -30.07 11.37
C ARG A 306 -13.54 -28.69 11.27
N LEU A 307 -13.10 -28.32 10.07
CA LEU A 307 -12.55 -26.97 9.83
C LEU A 307 -13.54 -25.97 9.21
N ASN A 308 -13.86 -26.18 7.92
CA ASN A 308 -14.62 -25.22 7.12
C ASN A 308 -16.07 -25.01 7.58
N THR A 309 -16.25 -24.29 8.68
CA THR A 309 -17.59 -24.08 9.21
C THR A 309 -18.27 -22.84 8.61
N LEU A 310 -17.63 -22.24 7.61
CA LEU A 310 -18.12 -20.98 7.05
C LEU A 310 -18.76 -21.15 5.69
N GLN A 311 -19.99 -20.63 5.55
CA GLN A 311 -20.72 -20.65 4.28
C GLN A 311 -20.27 -19.55 3.33
N ALA A 312 -20.16 -19.89 2.05
CA ALA A 312 -19.86 -18.87 1.04
C ALA A 312 -21.09 -17.96 0.84
N LEU A 313 -21.18 -16.91 1.65
CA LEU A 313 -22.32 -16.00 1.63
C LEU A 313 -22.58 -15.39 0.26
N TRP A 314 -21.53 -15.16 -0.52
CA TRP A 314 -21.71 -14.53 -1.82
C TRP A 314 -22.54 -15.35 -2.79
N MET A 315 -22.60 -16.67 -2.60
CA MET A 315 -23.33 -17.55 -3.53
C MET A 315 -24.81 -17.61 -3.20
N MET A 316 -25.21 -16.88 -2.16
CA MET A 316 -26.59 -16.94 -1.72
C MET A 316 -27.46 -15.81 -2.28
N GLU A 317 -28.77 -16.02 -2.25
CA GLU A 317 -29.73 -15.02 -2.67
C GLU A 317 -29.72 -13.88 -1.66
N PRO A 318 -29.57 -12.65 -2.15
CA PRO A 318 -29.39 -11.44 -1.33
C PRO A 318 -30.41 -11.30 -0.21
N LYS A 319 -31.63 -11.80 -0.43
CA LYS A 319 -32.72 -11.64 0.54
C LYS A 319 -32.78 -12.78 1.57
N ASP A 320 -31.92 -13.77 1.42
CA ASP A 320 -31.86 -14.87 2.38
C ASP A 320 -30.72 -14.63 3.35
N ILE A 321 -30.17 -13.42 3.29
CA ILE A 321 -29.06 -13.06 4.13
C ILE A 321 -29.42 -11.93 5.10
N SER A 322 -29.46 -12.27 6.39
CA SER A 322 -29.74 -11.33 7.46
C SER A 322 -28.57 -10.35 7.67
N GLU A 323 -28.85 -9.22 8.33
CA GLU A 323 -27.82 -8.23 8.61
C GLU A 323 -26.74 -8.75 9.55
N TRP A 324 -27.12 -9.63 10.46
CA TRP A 324 -26.15 -10.23 11.36
C TRP A 324 -25.19 -11.16 10.62
N GLN A 325 -25.70 -11.88 9.62
CA GLN A 325 -24.85 -12.70 8.77
C GLN A 325 -23.82 -11.84 8.04
N HIS A 326 -24.23 -10.67 7.57
CA HIS A 326 -23.30 -9.79 6.86
C HIS A 326 -22.24 -9.26 7.81
N GLU A 327 -22.66 -8.87 9.01
CA GLU A 327 -21.75 -8.36 10.03
C GLU A 327 -20.66 -9.36 10.38
N GLU A 328 -21.04 -10.62 10.57
CA GLU A 328 -20.08 -11.68 10.87
C GLU A 328 -19.18 -11.93 9.65
N PHE A 329 -19.81 -11.98 8.48
CA PHE A 329 -19.08 -12.34 7.30
C PHE A 329 -18.07 -11.23 6.97
N TYR A 330 -18.54 -9.99 7.00
CA TYR A 330 -17.64 -8.85 6.87
C TYR A 330 -16.42 -8.92 7.84
N ARG A 331 -16.68 -9.15 9.13
CA ARG A 331 -15.59 -9.22 10.10
C ARG A 331 -14.59 -10.27 9.67
N TYR A 332 -15.09 -11.41 9.23
CA TYR A 332 -14.22 -12.46 8.75
C TYR A 332 -13.39 -12.05 7.51
N VAL A 333 -14.06 -11.63 6.43
CA VAL A 333 -13.35 -11.36 5.18
C VAL A 333 -12.46 -10.12 5.23
N ALA A 334 -12.80 -9.17 6.07
CA ALA A 334 -11.99 -7.95 6.22
C ALA A 334 -11.03 -8.04 7.41
N GLN A 335 -11.08 -9.18 8.12
CA GLN A 335 -10.37 -9.33 9.40
C GLN A 335 -10.56 -8.09 10.29
N ALA A 336 -11.82 -7.72 10.55
CA ALA A 336 -12.15 -6.51 11.27
C ALA A 336 -12.94 -6.83 12.52
N TYR A 337 -13.30 -5.80 13.28
CA TYR A 337 -13.94 -6.00 14.57
C TYR A 337 -15.16 -5.11 14.74
N ASP A 338 -15.31 -4.19 13.79
CA ASP A 338 -16.46 -3.30 13.70
C ASP A 338 -17.46 -3.87 12.68
N LYS A 339 -18.38 -3.04 12.20
CA LYS A 339 -19.45 -3.47 11.29
C LYS A 339 -19.43 -2.73 9.93
N PRO A 340 -20.03 -3.30 8.88
CA PRO A 340 -20.13 -2.52 7.63
C PRO A 340 -21.14 -1.38 7.76
N ARG A 341 -20.79 -0.19 7.31
CA ARG A 341 -21.76 0.89 7.22
C ARG A 341 -22.56 0.77 5.92
N TYR A 342 -21.93 0.21 4.90
CA TYR A 342 -22.59 -0.07 3.63
C TYR A 342 -22.33 -1.50 3.18
N THR A 343 -23.36 -2.12 2.61
CA THR A 343 -23.26 -3.47 2.07
C THR A 343 -23.84 -3.50 0.66
N LEU A 344 -23.08 -4.04 -0.29
CA LEU A 344 -23.60 -4.22 -1.64
C LEU A 344 -23.43 -5.67 -2.10
N HIS A 345 -24.54 -6.35 -2.33
CA HIS A 345 -24.48 -7.76 -2.73
C HIS A 345 -24.76 -7.89 -4.23
N TYR A 346 -23.71 -7.87 -5.03
CA TYR A 346 -23.83 -7.82 -6.49
C TYR A 346 -23.68 -9.18 -7.20
N ARG A 347 -24.72 -9.52 -7.96
CA ARG A 347 -24.81 -10.75 -8.76
C ARG A 347 -25.20 -10.48 -10.22
N ALA A 348 -24.52 -11.15 -11.16
CA ALA A 348 -24.76 -10.99 -12.62
C ALA A 348 -24.00 -12.03 -13.44
N ASP A 349 -24.30 -12.10 -14.74
CA ASP A 349 -23.77 -13.15 -15.63
C ASP A 349 -22.95 -12.67 -16.85
N ALA A 350 -22.95 -11.35 -17.07
CA ALA A 350 -22.34 -10.73 -18.25
C ALA A 350 -21.70 -9.41 -17.85
N PRO A 351 -20.43 -9.19 -18.23
CA PRO A 351 -19.59 -10.01 -19.13
C PRO A 351 -19.06 -11.32 -18.50
N LEU A 352 -19.16 -11.49 -17.18
CA LEU A 352 -18.77 -12.75 -16.58
C LEU A 352 -19.80 -13.21 -15.53
N ASN A 353 -19.76 -14.49 -15.18
CA ASN A 353 -20.47 -14.92 -13.99
C ASN A 353 -19.85 -14.15 -12.84
N ILE A 354 -20.68 -13.41 -12.10
CA ILE A 354 -20.17 -12.78 -10.90
C ILE A 354 -21.12 -12.89 -9.69
N ARG A 355 -20.54 -13.25 -8.55
CA ARG A 355 -21.24 -13.33 -7.29
C ARG A 355 -20.35 -12.62 -6.30
N SER A 356 -20.81 -11.49 -5.75
CA SER A 356 -19.90 -10.66 -4.98
C SER A 356 -20.59 -9.94 -3.83
N ILE A 357 -19.81 -9.61 -2.81
CA ILE A 357 -20.27 -8.75 -1.73
C ILE A 357 -19.20 -7.72 -1.44
N PHE A 358 -19.57 -6.45 -1.47
CA PHE A 358 -18.65 -5.40 -1.04
C PHE A 358 -19.16 -4.72 0.21
N TYR A 359 -18.23 -4.31 1.05
CA TYR A 359 -18.55 -3.67 2.30
C TYR A 359 -17.76 -2.38 2.41
N VAL A 360 -18.34 -1.35 2.99
CA VAL A 360 -17.54 -0.20 3.44
C VAL A 360 -17.49 -0.24 4.96
N PRO A 361 -16.30 -0.24 5.54
CA PRO A 361 -16.29 -0.39 7.01
C PRO A 361 -16.81 0.85 7.75
N GLU A 362 -17.26 0.65 8.98
CA GLU A 362 -17.68 1.73 9.85
C GLU A 362 -16.48 2.60 10.20
N MET A 363 -15.40 1.95 10.59
CA MET A 363 -14.18 2.63 11.03
C MET A 363 -13.47 3.30 9.85
N LYS A 364 -12.90 4.47 10.08
CA LYS A 364 -12.19 5.20 9.04
C LYS A 364 -10.73 4.74 8.94
N PRO A 365 -10.04 5.09 7.83
CA PRO A 365 -8.59 4.86 7.75
C PRO A 365 -7.85 5.71 8.79
N SER A 366 -6.61 5.39 9.18
CA SER A 366 -5.84 4.26 8.64
C SER A 366 -6.09 2.97 9.41
N MET A 374 -4.09 -10.26 3.59
CA MET A 374 -4.20 -9.92 5.01
C MET A 374 -5.67 -9.73 5.40
N GLY A 375 -6.55 -9.71 4.42
CA GLY A 375 -7.94 -9.36 4.64
C GLY A 375 -8.15 -7.85 4.51
N SER A 376 -7.15 -7.17 3.95
CA SER A 376 -7.17 -5.72 3.85
C SER A 376 -7.54 -5.22 2.46
N SER A 377 -8.21 -6.06 1.70
CA SER A 377 -8.84 -5.64 0.44
C SER A 377 -9.81 -6.71 -0.02
N VAL A 378 -10.45 -6.46 -1.15
CA VAL A 378 -11.39 -7.41 -1.74
C VAL A 378 -10.61 -8.61 -2.27
N ALA A 379 -11.01 -9.81 -1.85
CA ALA A 379 -10.40 -11.04 -2.34
C ALA A 379 -11.10 -11.55 -3.63
N LEU A 380 -10.31 -12.14 -4.53
CA LEU A 380 -10.81 -12.81 -5.72
C LEU A 380 -10.92 -14.31 -5.51
N TYR A 381 -12.12 -14.85 -5.71
CA TYR A 381 -12.37 -16.28 -5.65
C TYR A 381 -12.84 -16.76 -7.01
N SER A 382 -12.76 -18.07 -7.22
CA SER A 382 -13.40 -18.69 -8.37
C SER A 382 -13.88 -20.10 -8.00
N ARG A 383 -15.20 -20.33 -8.13
CA ARG A 383 -15.82 -21.59 -7.73
C ARG A 383 -15.40 -21.89 -6.30
N LYS A 384 -15.51 -20.85 -5.47
CA LYS A 384 -15.31 -20.96 -4.02
C LYS A 384 -13.87 -21.18 -3.57
N ILE A 385 -12.91 -21.15 -4.50
CA ILE A 385 -11.47 -21.29 -4.13
C ILE A 385 -10.78 -19.94 -4.24
N LEU A 386 -10.04 -19.54 -3.22
CA LEU A 386 -9.29 -18.29 -3.27
C LEU A 386 -8.31 -18.28 -4.46
N ILE A 387 -8.37 -17.21 -5.25
CA ILE A 387 -7.37 -16.96 -6.31
C ILE A 387 -6.33 -15.93 -5.82
N GLN A 388 -6.83 -14.82 -5.30
CA GLN A 388 -5.98 -13.75 -4.80
C GLN A 388 -6.56 -13.12 -3.54
N THR A 389 -5.75 -13.12 -2.49
CA THR A 389 -6.05 -12.44 -1.23
C THR A 389 -6.34 -10.98 -1.53
N LYS A 390 -5.52 -10.38 -2.40
CA LYS A 390 -5.70 -9.01 -2.84
C LYS A 390 -5.96 -8.96 -4.34
N ALA A 391 -7.22 -8.89 -4.75
CA ALA A 391 -7.59 -8.88 -6.17
C ALA A 391 -6.95 -7.69 -6.88
N THR A 392 -6.41 -7.92 -8.07
CA THR A 392 -5.61 -6.88 -8.72
C THR A 392 -6.27 -6.13 -9.89
N ASP A 393 -6.97 -6.86 -10.75
CA ASP A 393 -7.41 -6.35 -12.05
C ASP A 393 -8.92 -6.12 -12.18
N ILE A 394 -9.65 -6.31 -11.08
CA ILE A 394 -11.09 -6.27 -11.13
C ILE A 394 -11.72 -4.97 -10.62
N LEU A 395 -11.03 -4.27 -9.72
CA LEU A 395 -11.47 -2.94 -9.28
C LEU A 395 -10.44 -1.82 -9.60
N PRO A 396 -10.92 -0.60 -9.84
CA PRO A 396 -9.96 0.51 -9.96
C PRO A 396 -9.25 0.74 -8.63
N LYS A 397 -8.04 1.34 -8.65
CA LYS A 397 -7.31 1.65 -7.42
C LYS A 397 -8.10 2.49 -6.42
N TRP A 398 -8.80 3.51 -6.90
CA TRP A 398 -9.60 4.33 -6.00
C TRP A 398 -10.69 3.57 -5.20
N LEU A 399 -11.07 2.37 -5.63
CA LEU A 399 -12.02 1.60 -4.84
C LEU A 399 -11.38 0.58 -3.86
N ARG A 400 -10.11 0.75 -3.55
CA ARG A 400 -9.39 -0.20 -2.67
C ARG A 400 -9.84 -0.15 -1.23
N PHE A 401 -10.66 0.83 -0.90
CA PHE A 401 -11.20 0.95 0.44
C PHE A 401 -12.41 0.01 0.62
N LEU A 402 -12.87 -0.65 -0.45
CA LEU A 402 -13.94 -1.65 -0.29
C LEU A 402 -13.34 -2.93 0.29
N ARG A 403 -14.09 -3.65 1.13
CA ARG A 403 -13.67 -4.99 1.56
C ARG A 403 -14.68 -5.97 0.99
N GLY A 404 -14.38 -7.26 1.05
CA GLY A 404 -15.36 -8.26 0.63
C GLY A 404 -14.78 -9.23 -0.37
N VAL A 405 -15.60 -9.73 -1.27
CA VAL A 405 -15.24 -10.87 -2.09
C VAL A 405 -15.86 -10.79 -3.48
N VAL A 406 -15.08 -11.14 -4.49
CA VAL A 406 -15.64 -11.36 -5.81
C VAL A 406 -15.38 -12.79 -6.26
N ASP A 407 -16.44 -13.48 -6.66
CA ASP A 407 -16.32 -14.83 -7.19
C ASP A 407 -16.86 -14.88 -8.62
N SER A 408 -16.01 -15.31 -9.55
CA SER A 408 -16.41 -15.62 -10.93
C SER A 408 -16.02 -17.05 -11.33
N GLU A 409 -17.00 -17.81 -11.84
CA GLU A 409 -16.77 -19.18 -12.29
C GLU A 409 -15.99 -19.28 -13.59
N ASP A 410 -16.09 -18.26 -14.42
CA ASP A 410 -15.59 -18.40 -15.79
C ASP A 410 -14.49 -17.39 -16.11
N ILE A 411 -13.93 -16.79 -15.07
CA ILE A 411 -12.82 -15.87 -15.25
C ILE A 411 -11.57 -16.64 -15.74
N PRO A 412 -10.92 -16.14 -16.81
CA PRO A 412 -9.79 -16.93 -17.34
C PRO A 412 -8.58 -16.97 -16.38
N LEU A 413 -8.38 -18.13 -15.76
CA LEU A 413 -7.32 -18.30 -14.77
C LEU A 413 -5.95 -18.55 -15.40
N ASN A 414 -4.95 -17.86 -14.87
CA ASN A 414 -3.55 -18.21 -15.13
C ASN A 414 -3.30 -19.64 -14.61
N LEU A 415 -2.37 -20.35 -15.20
CA LEU A 415 -2.00 -21.70 -14.77
C LEU A 415 -1.64 -21.84 -13.29
N SER A 416 -1.09 -20.77 -12.70
CA SER A 416 -0.63 -20.80 -11.31
C SER A 416 -1.84 -20.73 -10.36
N ARG A 417 -3.01 -20.44 -10.93
CA ARG A 417 -4.21 -20.11 -10.15
C ARG A 417 -4.00 -19.09 -9.03
N GLU A 418 -3.11 -18.12 -9.23
CA GLU A 418 -3.04 -17.00 -8.30
C GLU A 418 -2.99 -15.69 -9.06
N LEU A 419 -3.29 -15.75 -10.35
CA LEU A 419 -3.30 -14.62 -11.26
C LEU A 419 -4.41 -14.84 -12.27
N LEU A 420 -4.83 -13.76 -12.93
CA LEU A 420 -5.75 -13.84 -14.07
C LEU A 420 -5.05 -13.53 -15.38
N GLN A 421 -5.51 -14.16 -16.44
CA GLN A 421 -5.02 -13.83 -17.79
C GLN A 421 -5.55 -12.46 -18.22
N GLU A 422 -4.76 -11.75 -19.02
CA GLU A 422 -5.22 -10.53 -19.67
C GLU A 422 -6.44 -10.88 -20.53
N SER A 423 -7.51 -10.09 -20.41
CA SER A 423 -8.81 -10.43 -21.03
C SER A 423 -9.71 -9.21 -21.18
N ALA A 424 -10.26 -9.02 -22.37
CA ALA A 424 -11.25 -7.96 -22.56
C ALA A 424 -12.41 -8.12 -21.58
N LEU A 425 -12.78 -9.36 -21.27
CA LEU A 425 -13.86 -9.62 -20.34
C LEU A 425 -13.55 -9.11 -18.92
N ILE A 426 -12.33 -9.36 -18.42
CA ILE A 426 -11.90 -8.81 -17.14
C ILE A 426 -11.86 -7.26 -17.16
N ARG A 427 -11.35 -6.66 -18.22
CA ARG A 427 -11.37 -5.20 -18.33
C ARG A 427 -12.80 -4.68 -18.27
N LYS A 428 -13.71 -5.29 -19.03
CA LYS A 428 -15.12 -4.90 -19.02
C LYS A 428 -15.73 -5.05 -17.61
N LEU A 429 -15.42 -6.16 -16.95
CA LEU A 429 -15.85 -6.35 -15.57
C LEU A 429 -15.46 -5.18 -14.66
N ARG A 430 -14.22 -4.71 -14.79
CA ARG A 430 -13.74 -3.62 -13.93
C ARG A 430 -14.55 -2.36 -14.19
N ASP A 431 -14.75 -2.04 -15.48
CA ASP A 431 -15.61 -0.92 -15.84
C ASP A 431 -17.03 -1.08 -15.30
N VAL A 432 -17.57 -2.29 -15.42
CA VAL A 432 -18.93 -2.57 -14.93
C VAL A 432 -19.01 -2.36 -13.43
N LEU A 433 -18.04 -2.91 -12.70
CA LEU A 433 -18.04 -2.83 -11.24
C LEU A 433 -17.87 -1.38 -10.80
N GLN A 434 -17.04 -0.65 -11.53
CA GLN A 434 -16.83 0.75 -11.20
C GLN A 434 -18.16 1.49 -11.28
N GLN A 435 -18.87 1.33 -12.39
CA GLN A 435 -20.21 1.95 -12.54
C GLN A 435 -21.21 1.48 -11.49
N ARG A 436 -21.08 0.23 -11.05
CA ARG A 436 -22.08 -0.35 -10.16
C ARG A 436 -21.93 0.22 -8.77
N VAL A 437 -20.67 0.36 -8.35
CA VAL A 437 -20.36 0.84 -7.01
C VAL A 437 -20.70 2.33 -6.94
N ILE A 438 -20.40 3.04 -8.01
CA ILE A 438 -20.77 4.44 -8.11
C ILE A 438 -22.27 4.61 -7.96
N ARG A 439 -23.05 3.89 -8.78
CA ARG A 439 -24.50 3.91 -8.69
C ARG A 439 -24.98 3.60 -7.29
N PHE A 440 -24.35 2.60 -6.67
CA PHE A 440 -24.74 2.21 -5.32
C PHE A 440 -24.52 3.33 -4.30
N LEU A 441 -23.37 3.99 -4.36
CA LEU A 441 -23.06 5.05 -3.40
C LEU A 441 -23.96 6.28 -3.64
N LEU A 442 -24.32 6.51 -4.90
CA LEU A 442 -25.24 7.58 -5.23
C LEU A 442 -26.61 7.36 -4.59
N ASP A 443 -27.17 6.16 -4.78
CA ASP A 443 -28.44 5.79 -4.16
C ASP A 443 -28.37 5.97 -2.64
N GLN A 444 -27.22 5.66 -2.05
CA GLN A 444 -27.07 5.84 -0.61
C GLN A 444 -27.17 7.34 -0.25
N SER A 445 -26.56 8.20 -1.05
CA SER A 445 -26.64 9.63 -0.80
C SER A 445 -28.09 10.14 -0.74
N LYS A 446 -28.99 9.53 -1.50
CA LYS A 446 -30.42 9.90 -1.49
C LYS A 446 -31.16 9.33 -0.28
N LYS A 447 -31.04 8.02 -0.09
CA LYS A 447 -31.66 7.30 1.02
C LYS A 447 -31.39 7.94 2.39
N ASP A 448 -30.11 8.12 2.70
CA ASP A 448 -29.70 8.78 3.93
C ASP A 448 -28.55 9.73 3.65
N PRO A 449 -28.88 10.99 3.35
CA PRO A 449 -27.87 12.01 3.03
C PRO A 449 -26.95 12.27 4.23
N GLU A 450 -27.47 12.24 5.44
CA GLU A 450 -26.66 12.53 6.61
C GLU A 450 -25.60 11.46 6.79
N LYS A 451 -26.00 10.20 6.68
CA LYS A 451 -25.06 9.09 6.79
C LYS A 451 -24.04 9.14 5.65
N TYR A 452 -24.51 9.46 4.45
CA TYR A 452 -23.61 9.58 3.31
C TYR A 452 -22.58 10.67 3.53
N ALA A 453 -23.00 11.76 4.18
CA ALA A 453 -22.07 12.84 4.53
C ALA A 453 -20.94 12.32 5.46
N ARG A 454 -21.30 11.47 6.42
CA ARG A 454 -20.29 10.87 7.28
C ARG A 454 -19.33 10.05 6.41
N PHE A 455 -19.90 9.24 5.52
CA PHE A 455 -19.09 8.46 4.59
C PHE A 455 -18.14 9.30 3.76
N PHE A 456 -18.65 10.40 3.21
CA PHE A 456 -17.82 11.22 2.35
C PHE A 456 -16.67 11.89 3.12
N GLU A 457 -16.93 12.28 4.36
CA GLU A 457 -15.90 12.86 5.19
C GLU A 457 -14.72 11.88 5.41
N ASP A 458 -15.04 10.61 5.64
CA ASP A 458 -14.00 9.61 5.91
C ASP A 458 -13.32 9.09 4.66
N TYR A 459 -14.07 8.93 3.58
CA TYR A 459 -13.57 8.24 2.40
C TYR A 459 -13.47 9.09 1.14
N GLY A 460 -13.92 10.34 1.23
CA GLY A 460 -13.84 11.25 0.11
C GLY A 460 -12.49 11.30 -0.61
N LEU A 461 -11.39 11.19 0.14
CA LEU A 461 -10.04 11.21 -0.46
C LEU A 461 -9.88 10.20 -1.59
N PHE A 462 -10.58 9.08 -1.51
CA PHE A 462 -10.52 8.07 -2.56
C PHE A 462 -11.20 8.55 -3.85
N MET A 463 -12.33 9.24 -3.72
CA MET A 463 -13.00 9.82 -4.89
C MET A 463 -12.07 10.83 -5.57
N ARG A 464 -11.52 11.73 -4.77
CA ARG A 464 -10.59 12.73 -5.28
C ARG A 464 -9.42 12.06 -5.97
N GLU A 465 -8.86 11.04 -5.33
CA GLU A 465 -7.78 10.26 -5.91
C GLU A 465 -8.19 9.66 -7.27
N GLY A 466 -9.37 9.05 -7.31
CA GLY A 466 -9.90 8.47 -8.53
C GLY A 466 -9.98 9.46 -9.68
N ILE A 467 -10.58 10.61 -9.42
CA ILE A 467 -10.72 11.65 -10.42
C ILE A 467 -9.36 12.14 -10.96
N VAL A 468 -8.42 12.37 -10.06
CA VAL A 468 -7.09 12.83 -10.43
C VAL A 468 -6.33 11.82 -11.29
N THR A 469 -6.39 10.55 -10.90
CA THR A 469 -5.52 9.54 -11.50
C THR A 469 -6.07 8.86 -12.77
N THR A 470 -7.39 8.88 -12.98
CA THR A 470 -7.96 8.29 -14.20
C THR A 470 -7.89 9.24 -15.39
N GLY A 471 -7.83 8.67 -16.59
CA GLY A 471 -7.61 9.46 -17.80
C GLY A 471 -8.87 9.59 -18.64
N GLU A 472 -9.84 8.71 -18.41
CA GLU A 472 -11.10 8.76 -19.12
C GLU A 472 -12.00 9.85 -18.54
N GLN A 473 -12.19 10.92 -19.31
CA GLN A 473 -12.97 12.08 -18.89
C GLN A 473 -14.38 11.72 -18.41
N SER A 474 -15.04 10.84 -19.15
CA SER A 474 -16.35 10.30 -18.75
C SER A 474 -16.33 9.63 -17.36
N VAL A 475 -15.21 8.98 -17.02
CA VAL A 475 -15.04 8.33 -15.73
C VAL A 475 -14.83 9.36 -14.61
N LYS A 476 -14.01 10.38 -14.88
CA LYS A 476 -13.83 11.47 -13.94
C LYS A 476 -15.17 12.05 -13.52
N GLU A 477 -16.05 12.25 -14.49
CA GLU A 477 -17.35 12.89 -14.25
C GLU A 477 -18.33 11.97 -13.51
N ASP A 478 -18.17 10.66 -13.67
CA ASP A 478 -19.00 9.70 -12.95
C ASP A 478 -18.63 9.69 -11.45
N ILE A 479 -17.33 9.66 -11.16
CA ILE A 479 -16.85 9.70 -9.77
C ILE A 479 -17.17 11.04 -9.10
N ALA A 480 -17.22 12.10 -9.89
CA ALA A 480 -17.44 13.45 -9.39
C ALA A 480 -18.87 13.71 -8.90
N LYS A 481 -19.79 12.81 -9.25
CA LYS A 481 -21.15 12.92 -8.76
C LYS A 481 -21.20 12.66 -7.27
N LEU A 482 -20.23 11.88 -6.78
CA LEU A 482 -20.13 11.55 -5.37
C LEU A 482 -19.60 12.72 -4.53
N LEU A 483 -18.87 13.64 -5.16
CA LEU A 483 -18.25 14.78 -4.46
C LEU A 483 -19.26 15.68 -3.75
N ARG A 484 -18.89 16.13 -2.55
CA ARG A 484 -19.70 17.11 -1.83
C ARG A 484 -18.87 18.35 -1.51
N PHE A 485 -19.51 19.52 -1.61
CA PHE A 485 -18.86 20.78 -1.32
C PHE A 485 -19.80 21.63 -0.52
N GLU A 486 -19.36 22.83 -0.18
CA GLU A 486 -20.21 23.81 0.46
C GLU A 486 -20.48 24.92 -0.56
N SER A 487 -21.30 25.92 -0.21
CA SER A 487 -21.64 26.93 -1.21
C SER A 487 -21.92 28.33 -0.64
N SER A 488 -21.75 29.34 -1.49
CA SER A 488 -22.03 30.71 -1.12
C SER A 488 -23.51 30.91 -0.90
N ALA A 489 -24.32 30.43 -1.84
CA ALA A 489 -25.77 30.54 -1.77
C ALA A 489 -26.38 29.57 -0.75
N LEU A 490 -25.53 28.97 0.08
CA LEU A 490 -25.97 27.99 1.07
C LEU A 490 -25.41 28.27 2.45
N PRO A 491 -26.11 27.82 3.51
CA PRO A 491 -25.66 28.07 4.88
C PRO A 491 -24.40 27.27 5.20
N ALA A 492 -23.76 27.64 6.30
CA ALA A 492 -22.59 26.92 6.77
C ALA A 492 -22.99 25.46 7.02
N GLY A 493 -22.02 24.55 6.89
CA GLY A 493 -22.25 23.14 7.17
C GLY A 493 -23.08 22.39 6.15
N GLN A 494 -23.97 23.08 5.46
CA GLN A 494 -24.81 22.45 4.45
C GLN A 494 -24.03 22.13 3.18
N GLN A 495 -24.28 20.95 2.64
CA GLN A 495 -23.50 20.43 1.53
C GLN A 495 -24.29 20.29 0.24
N THR A 496 -23.59 20.33 -0.89
CA THR A 496 -24.22 20.10 -2.17
C THR A 496 -23.30 19.40 -3.17
N SER A 497 -23.90 18.87 -4.23
CA SER A 497 -23.16 18.24 -5.31
C SER A 497 -23.08 19.18 -6.50
N LEU A 498 -22.29 18.77 -7.49
CA LEU A 498 -22.14 19.50 -8.74
C LEU A 498 -23.46 19.50 -9.52
N MET A 499 -24.23 18.41 -9.45
CA MET A 499 -25.51 18.34 -10.14
C MET A 499 -26.48 19.38 -9.60
N GLU A 500 -26.55 19.51 -8.27
CA GLU A 500 -27.43 20.51 -7.66
C GLU A 500 -27.01 21.94 -8.03
N TYR A 501 -25.70 22.21 -7.95
CA TYR A 501 -25.15 23.47 -8.46
C TYR A 501 -25.53 23.66 -9.92
N SER A 502 -25.42 22.59 -10.69
CA SER A 502 -25.75 22.62 -12.11
C SER A 502 -27.23 22.97 -12.33
N SER A 503 -28.07 22.54 -11.40
CA SER A 503 -29.52 22.79 -11.45
C SER A 503 -29.90 24.22 -11.07
N ARG A 504 -28.96 24.97 -10.50
CA ARG A 504 -29.22 26.35 -10.04
C ARG A 504 -28.61 27.38 -10.98
N MET A 505 -27.99 26.91 -12.05
CA MET A 505 -27.37 27.80 -13.01
C MET A 505 -28.41 28.33 -13.98
N LYS A 506 -28.42 29.65 -14.17
CA LYS A 506 -29.30 30.23 -15.16
C LYS A 506 -28.88 29.74 -16.55
N ALA A 507 -29.87 29.37 -17.36
CA ALA A 507 -29.64 28.69 -18.64
C ALA A 507 -28.71 29.45 -19.58
N GLY A 508 -28.52 30.74 -19.34
CA GLY A 508 -27.58 31.55 -20.09
C GLY A 508 -26.11 31.22 -19.88
N THR A 509 -25.62 31.46 -18.66
CA THR A 509 -24.22 31.19 -18.35
C THR A 509 -24.06 29.69 -18.09
N ARG A 510 -22.96 29.13 -18.58
CA ARG A 510 -22.72 27.70 -18.45
C ARG A 510 -21.28 27.37 -18.07
N ASN A 511 -20.87 27.84 -16.90
CA ASN A 511 -19.63 27.38 -16.30
C ASN A 511 -19.67 27.41 -14.77
N ILE A 512 -18.86 26.57 -14.14
CA ILE A 512 -18.94 26.28 -12.71
C ILE A 512 -17.82 26.93 -11.91
N TYR A 513 -18.17 27.94 -11.11
CA TYR A 513 -17.17 28.67 -10.32
C TYR A 513 -16.99 28.05 -8.93
N TYR A 514 -15.72 27.82 -8.57
CA TYR A 514 -15.39 27.25 -7.27
C TYR A 514 -14.27 28.08 -6.63
N LEU A 515 -14.17 28.01 -5.30
CA LEU A 515 -13.09 28.64 -4.58
C LEU A 515 -12.55 27.66 -3.55
N CYS A 516 -11.33 27.20 -3.76
CA CYS A 516 -10.73 26.26 -2.83
C CYS A 516 -10.01 27.01 -1.72
N ALA A 517 -10.49 26.87 -0.49
CA ALA A 517 -10.02 27.66 0.64
C ALA A 517 -9.98 26.82 1.91
N PRO A 518 -9.16 27.22 2.89
CA PRO A 518 -9.09 26.53 4.18
C PRO A 518 -10.42 26.49 4.94
N ASN A 519 -11.20 27.57 4.90
CA ASN A 519 -12.45 27.66 5.67
C ASN A 519 -13.46 28.70 5.15
N ARG A 520 -14.59 28.84 5.85
CA ARG A 520 -15.64 29.78 5.47
C ARG A 520 -15.22 31.25 5.58
N HIS A 521 -14.66 31.61 6.72
CA HIS A 521 -14.26 32.99 7.00
C HIS A 521 -13.30 33.49 5.95
N LEU A 522 -12.32 32.66 5.62
CA LEU A 522 -11.35 32.96 4.57
C LEU A 522 -12.00 33.06 3.18
N ALA A 523 -12.86 32.10 2.84
CA ALA A 523 -13.52 32.13 1.54
C ALA A 523 -14.46 33.34 1.41
N GLU A 524 -15.32 33.56 2.40
CA GLU A 524 -16.28 34.68 2.38
C GLU A 524 -15.61 36.04 2.19
N HIS A 525 -14.47 36.24 2.84
CA HIS A 525 -13.78 37.53 2.78
C HIS A 525 -12.68 37.57 1.70
N SER A 526 -12.78 36.68 0.72
CA SER A 526 -11.89 36.71 -0.44
C SER A 526 -12.33 37.79 -1.43
N PRO A 527 -11.40 38.69 -1.80
CA PRO A 527 -11.69 39.74 -2.78
C PRO A 527 -12.13 39.14 -4.11
N TYR A 528 -11.56 37.98 -4.45
CA TYR A 528 -11.91 37.27 -5.66
C TYR A 528 -13.35 36.78 -5.61
N PHE A 529 -13.79 36.37 -4.42
CA PHE A 529 -15.17 35.93 -4.23
C PHE A 529 -16.13 37.11 -4.16
N GLU A 530 -15.68 38.20 -3.52
CA GLU A 530 -16.51 39.39 -3.36
C GLU A 530 -16.86 40.00 -4.70
N ALA A 531 -16.04 39.71 -5.71
CA ALA A 531 -16.32 40.14 -7.08
C ALA A 531 -17.64 39.52 -7.52
N MET A 532 -17.68 38.19 -7.60
CA MET A 532 -18.87 37.51 -8.07
C MET A 532 -19.93 37.31 -6.98
N LYS A 533 -19.84 38.09 -5.91
CA LYS A 533 -20.93 38.18 -4.95
C LYS A 533 -21.92 39.23 -5.44
N GLN A 534 -21.40 40.41 -5.81
CA GLN A 534 -22.21 41.48 -6.37
C GLN A 534 -22.85 41.04 -7.70
N LYS A 535 -22.01 40.57 -8.61
CA LYS A 535 -22.50 39.87 -9.79
C LYS A 535 -23.10 38.56 -9.29
N ASP A 536 -24.43 38.49 -9.25
CA ASP A 536 -25.12 37.36 -8.64
C ASP A 536 -24.52 36.12 -9.30
N MET A 537 -23.83 35.32 -8.50
CA MET A 537 -23.11 34.17 -9.02
C MET A 537 -22.72 33.24 -7.87
N GLU A 538 -23.35 32.06 -7.83
CA GLU A 538 -23.06 31.06 -6.81
C GLU A 538 -21.65 30.50 -6.99
N VAL A 539 -20.92 30.36 -5.88
CA VAL A 539 -19.58 29.80 -5.90
C VAL A 539 -19.48 28.62 -4.94
N LEU A 540 -18.95 27.50 -5.42
CA LEU A 540 -18.67 26.37 -4.55
C LEU A 540 -17.46 26.68 -3.65
N PHE A 541 -17.63 26.49 -2.34
CA PHE A 541 -16.54 26.58 -1.39
C PHE A 541 -16.00 25.18 -1.13
N CYS A 542 -14.73 24.96 -1.48
CA CYS A 542 -14.11 23.66 -1.33
CA CYS A 542 -14.11 23.66 -1.33
C CYS A 542 -13.03 23.69 -0.26
N PHE A 543 -13.37 23.17 0.92
CA PHE A 543 -12.50 23.26 2.10
C PHE A 543 -11.56 22.07 2.27
N GLU A 544 -11.76 21.01 1.50
CA GLU A 544 -11.03 19.77 1.74
C GLU A 544 -9.67 19.73 1.09
N GLN A 545 -8.81 18.86 1.61
CA GLN A 545 -7.48 18.68 1.07
C GLN A 545 -7.57 18.03 -0.30
N PHE A 546 -6.79 18.57 -1.24
CA PHE A 546 -6.78 18.14 -2.64
C PHE A 546 -8.07 18.45 -3.39
N ASP A 547 -8.94 19.27 -2.79
CA ASP A 547 -10.11 19.76 -3.52
C ASP A 547 -9.66 20.54 -4.73
N GLU A 548 -8.60 21.32 -4.59
CA GLU A 548 -8.13 22.15 -5.70
C GLU A 548 -7.68 21.37 -6.92
N LEU A 549 -6.71 20.48 -6.75
CA LEU A 549 -6.22 19.74 -7.91
C LEU A 549 -7.22 18.69 -8.40
N THR A 550 -8.17 18.30 -7.54
CA THR A 550 -9.26 17.46 -8.00
C THR A 550 -10.03 18.15 -9.11
N LEU A 551 -10.35 19.43 -8.89
CA LEU A 551 -11.15 20.18 -9.87
C LEU A 551 -10.30 20.57 -11.07
N LEU A 552 -9.01 20.83 -10.82
CA LEU A 552 -8.04 21.08 -11.88
C LEU A 552 -7.94 19.86 -12.80
N HIS A 553 -7.79 18.68 -12.21
CA HIS A 553 -7.72 17.45 -12.99
C HIS A 553 -9.08 17.08 -13.56
N LEU A 554 -10.16 17.50 -12.90
CA LEU A 554 -11.50 17.31 -13.43
C LEU A 554 -11.68 18.09 -14.72
N ARG A 555 -11.26 19.36 -14.71
CA ARG A 555 -11.36 20.26 -15.87
C ARG A 555 -12.78 20.70 -16.22
N GLU A 556 -13.62 19.75 -16.61
CA GLU A 556 -15.01 20.07 -16.92
C GLU A 556 -15.98 19.03 -16.36
N PHE A 557 -17.21 19.48 -16.12
CA PHE A 557 -18.26 18.60 -15.62
C PHE A 557 -19.58 18.93 -16.30
N ASP A 558 -20.32 17.91 -16.71
CA ASP A 558 -21.64 18.11 -17.29
C ASP A 558 -21.48 19.00 -18.53
N ARG A 559 -20.39 18.79 -19.25
CA ARG A 559 -19.95 19.64 -20.37
C ARG A 559 -19.90 21.14 -20.02
N LYS A 560 -19.96 21.43 -18.72
CA LYS A 560 -19.80 22.77 -18.20
C LYS A 560 -18.37 22.92 -17.68
N LYS A 561 -17.85 24.14 -17.73
CA LYS A 561 -16.46 24.41 -17.36
C LYS A 561 -16.31 24.78 -15.89
N LEU A 562 -15.30 24.22 -15.23
CA LEU A 562 -14.97 24.66 -13.88
C LEU A 562 -13.80 25.64 -13.87
N ILE A 563 -14.05 26.86 -13.41
CA ILE A 563 -13.00 27.86 -13.32
C ILE A 563 -12.83 28.34 -11.88
N SER A 564 -11.58 28.42 -11.44
CA SER A 564 -11.28 28.99 -10.13
C SER A 564 -11.68 30.44 -10.17
N ALA A 565 -12.34 30.92 -9.13
CA ALA A 565 -12.76 32.31 -9.05
C ALA A 565 -11.59 33.28 -8.87
N GLU A 566 -10.37 32.81 -9.13
CA GLU A 566 -9.18 33.65 -8.97
C GLU A 566 -8.55 34.01 -10.33
N THR A 567 -8.95 35.17 -10.85
CA THR A 567 -8.48 35.63 -12.16
C THR A 567 -7.80 37.00 -12.04
N ARG A 588 -16.42 54.84 15.06
CA ARG A 588 -16.07 56.08 15.76
C ARG A 588 -14.64 56.53 15.40
N LEU A 589 -13.95 57.14 16.36
CA LEU A 589 -12.53 57.49 16.23
C LEU A 589 -12.14 58.45 15.10
N SER A 590 -12.95 59.49 14.90
CA SER A 590 -12.68 60.51 13.88
C SER A 590 -12.33 59.89 12.54
N SER A 591 -11.24 60.36 11.93
CA SER A 591 -10.70 59.77 10.71
C SER A 591 -9.17 59.90 10.72
N GLU A 592 -8.67 60.86 11.48
CA GLU A 592 -7.23 61.08 11.63
C GLU A 592 -6.64 60.36 12.84
N GLN A 593 -7.42 60.31 13.93
CA GLN A 593 -7.04 59.53 15.12
C GLN A 593 -6.81 58.10 14.68
N ALA A 594 -7.62 57.64 13.74
CA ALA A 594 -7.44 56.34 13.12
C ALA A 594 -6.12 56.29 12.36
N GLU A 595 -5.87 57.30 11.53
CA GLU A 595 -4.66 57.35 10.72
C GLU A 595 -3.37 57.40 11.55
N ASP A 596 -3.47 57.98 12.74
CA ASP A 596 -2.35 57.97 13.69
C ASP A 596 -2.12 56.53 14.15
N LEU A 597 -3.21 55.86 14.47
CA LEU A 597 -3.18 54.48 14.93
C LEU A 597 -2.65 53.55 13.83
N LEU A 598 -3.24 53.66 12.65
CA LEU A 598 -2.86 52.82 11.52
C LEU A 598 -1.40 53.03 11.10
N ALA A 599 -0.90 54.25 11.29
CA ALA A 599 0.50 54.55 11.00
C ALA A 599 1.38 53.84 12.02
N TRP A 600 0.88 53.77 13.24
CA TRP A 600 1.62 53.19 14.35
C TRP A 600 1.60 51.66 14.34
N MET A 601 0.43 51.07 14.10
CA MET A 601 0.31 49.61 14.00
C MET A 601 1.14 49.09 12.84
N ARG A 602 1.17 49.86 11.75
CA ARG A 602 1.87 49.47 10.54
C ARG A 602 3.38 49.39 10.75
N ASN A 603 3.86 49.89 11.88
CA ASN A 603 5.28 49.86 12.22
C ASN A 603 5.68 48.68 13.12
N ALA A 604 4.77 48.31 14.02
CA ALA A 604 5.05 47.25 14.99
C ALA A 604 4.81 45.85 14.42
N LEU A 605 4.30 45.81 13.20
CA LEU A 605 4.05 44.54 12.51
C LEU A 605 4.59 44.58 11.08
N VAL A 606 5.67 45.32 10.87
CA VAL A 606 6.28 45.47 9.54
C VAL A 606 6.75 44.12 8.98
N GLN A 607 7.08 43.20 9.88
CA GLN A 607 7.65 41.92 9.51
C GLN A 607 6.61 40.79 9.53
N ARG A 608 5.33 41.14 9.53
CA ARG A 608 4.27 40.15 9.65
C ARG A 608 3.17 40.33 8.60
N VAL A 609 2.72 41.56 8.45
CA VAL A 609 1.58 41.85 7.57
C VAL A 609 1.97 42.79 6.45
N THR A 610 1.45 42.53 5.24
CA THR A 610 1.69 43.42 4.12
C THR A 610 0.81 44.67 4.22
N ASN A 611 -0.44 44.47 4.61
CA ASN A 611 -1.41 45.55 4.55
C ASN A 611 -2.29 45.70 5.81
N ILE A 612 -2.70 46.94 6.08
CA ILE A 612 -3.63 47.22 7.17
C ILE A 612 -4.74 48.18 6.70
N LYS A 613 -5.98 47.87 7.03
CA LYS A 613 -7.12 48.69 6.61
C LYS A 613 -8.06 49.04 7.77
N VAL A 614 -9.08 49.84 7.46
CA VAL A 614 -10.20 50.04 8.39
C VAL A 614 -11.45 49.45 7.72
N THR A 615 -12.32 48.84 8.51
CA THR A 615 -13.58 48.31 7.97
C THR A 615 -14.76 48.54 8.91
N PRO A 616 -15.93 48.91 8.33
CA PRO A 616 -17.17 49.15 9.07
C PRO A 616 -17.98 47.87 9.28
N ARG A 617 -17.69 46.83 8.49
CA ARG A 617 -18.46 45.60 8.49
C ARG A 617 -18.19 44.74 9.75
N LEU A 618 -17.26 45.19 10.59
CA LEU A 618 -16.99 44.52 11.85
C LEU A 618 -17.93 45.02 12.94
N ASP A 619 -18.34 44.13 13.83
CA ASP A 619 -19.22 44.49 14.95
C ASP A 619 -18.55 44.10 16.26
N THR A 620 -18.72 42.84 16.64
CA THR A 620 -18.21 42.33 17.91
C THR A 620 -16.69 42.28 17.96
N HIS A 621 -16.06 42.22 16.78
CA HIS A 621 -14.62 42.01 16.69
C HIS A 621 -13.83 43.29 16.45
N PRO A 622 -12.75 43.49 17.24
CA PRO A 622 -11.86 44.68 17.13
C PRO A 622 -11.10 44.69 15.81
N ALA A 623 -10.76 43.50 15.30
CA ALA A 623 -10.11 43.37 14.01
C ALA A 623 -10.37 41.99 13.39
N MET A 624 -10.06 41.84 12.11
CA MET A 624 -10.11 40.52 11.47
C MET A 624 -9.09 40.38 10.35
N ILE A 625 -8.62 39.16 10.12
CA ILE A 625 -7.61 38.89 9.10
C ILE A 625 -8.27 38.45 7.80
N THR A 626 -7.81 39.01 6.67
CA THR A 626 -8.26 38.55 5.36
C THR A 626 -7.06 38.19 4.48
N VAL A 627 -7.30 37.34 3.49
CA VAL A 627 -6.25 36.85 2.60
C VAL A 627 -6.74 36.93 1.15
N LEU A 628 -5.85 37.30 0.23
CA LEU A 628 -6.22 37.45 -1.18
C LEU A 628 -5.94 36.19 -1.99
N GLU A 629 -4.99 35.39 -1.53
CA GLU A 629 -4.58 34.17 -2.23
C GLU A 629 -4.81 32.93 -1.37
N MET A 630 -5.79 32.12 -1.76
CA MET A 630 -6.10 30.91 -0.99
C MET A 630 -4.97 29.88 -1.04
N GLY A 631 -4.21 29.90 -2.13
CA GLY A 631 -3.08 29.00 -2.27
C GLY A 631 -1.94 29.36 -1.34
N ALA A 632 -1.85 30.63 -0.97
CA ALA A 632 -0.84 31.11 -0.03
C ALA A 632 -1.16 30.63 1.39
N ALA A 633 -2.41 30.81 1.80
CA ALA A 633 -2.87 30.38 3.12
C ALA A 633 -2.69 28.87 3.34
N ARG A 634 -2.92 28.09 2.29
CA ARG A 634 -2.64 26.65 2.30
C ARG A 634 -1.14 26.39 2.46
N HIS A 635 -0.33 27.10 1.69
CA HIS A 635 1.12 27.00 1.82
C HIS A 635 1.55 27.46 3.21
N PHE A 636 0.81 28.40 3.77
CA PHE A 636 1.04 28.84 5.15
C PHE A 636 0.55 27.80 6.14
N LEU A 637 -0.58 27.16 5.83
CA LEU A 637 -1.21 26.20 6.74
C LEU A 637 -0.38 24.93 6.92
N ARG A 638 0.26 24.49 5.83
CA ARG A 638 1.05 23.25 5.85
C ARG A 638 2.50 23.51 6.30
N THR A 639 2.96 24.75 6.14
CA THR A 639 4.32 25.12 6.55
C THR A 639 4.34 25.60 8.00
N GLN A 640 4.57 24.67 8.92
CA GLN A 640 4.59 24.99 10.33
C GLN A 640 5.40 23.94 11.10
N GLN A 641 6.72 24.07 11.05
CA GLN A 641 7.64 23.17 11.73
C GLN A 641 7.40 23.15 13.23
N LEU A 653 3.13 33.98 3.30
CA LEU A 653 1.80 34.52 3.55
C LEU A 653 1.79 36.04 3.57
N GLN A 654 0.73 36.64 3.04
CA GLN A 654 0.55 38.08 3.05
C GLN A 654 -0.84 38.47 3.56
N PRO A 655 -0.98 38.51 4.90
CA PRO A 655 -2.28 38.84 5.53
C PRO A 655 -2.64 40.30 5.32
N THR A 656 -3.88 40.66 5.66
CA THR A 656 -4.35 42.02 5.52
C THR A 656 -5.43 42.24 6.58
N LEU A 657 -5.01 42.54 7.81
CA LEU A 657 -5.98 42.77 8.88
C LEU A 657 -6.72 44.08 8.66
N GLU A 658 -7.94 44.12 9.17
CA GLU A 658 -8.78 45.30 9.08
C GLU A 658 -9.24 45.63 10.48
N ILE A 659 -9.36 46.93 10.77
CA ILE A 659 -9.61 47.40 12.12
C ILE A 659 -11.04 47.93 12.29
N ASN A 660 -11.61 47.69 13.46
CA ASN A 660 -12.93 48.23 13.79
C ASN A 660 -12.81 49.44 14.70
N THR A 661 -12.89 50.62 14.10
CA THR A 661 -12.67 51.87 14.83
C THR A 661 -13.72 52.14 15.91
N GLY A 662 -14.81 51.39 15.86
CA GLY A 662 -15.87 51.55 16.83
C GLY A 662 -15.68 50.68 18.06
N HIS A 663 -14.80 49.69 17.95
CA HIS A 663 -14.55 48.75 19.05
C HIS A 663 -13.74 49.39 20.19
N ASP A 664 -14.03 48.97 21.41
CA ASP A 664 -13.40 49.51 22.61
C ASP A 664 -11.89 49.28 22.61
N LEU A 665 -11.51 48.04 22.36
CA LEU A 665 -10.11 47.62 22.36
C LEU A 665 -9.22 48.41 21.40
N ILE A 666 -9.82 48.86 20.30
CA ILE A 666 -9.10 49.65 19.30
C ILE A 666 -8.94 51.10 19.76
N LYS A 667 -10.01 51.67 20.29
CA LYS A 667 -9.94 53.00 20.90
C LYS A 667 -8.98 52.94 22.07
N LYS A 668 -9.16 51.92 22.90
CA LYS A 668 -8.28 51.67 24.05
C LYS A 668 -6.83 51.52 23.59
N LEU A 669 -6.64 50.94 22.39
CA LEU A 669 -5.31 50.81 21.81
C LEU A 669 -4.74 52.17 21.42
N HIS A 670 -5.48 52.92 20.60
CA HIS A 670 -5.07 54.25 20.19
C HIS A 670 -4.68 55.11 21.38
N ALA A 671 -5.50 55.07 22.43
CA ALA A 671 -5.25 55.85 23.63
C ALA A 671 -4.03 55.33 24.41
N LEU A 672 -3.64 54.09 24.15
CA LEU A 672 -2.57 53.44 24.91
C LEU A 672 -1.17 53.53 24.28
N LYS A 673 -1.10 53.57 22.96
CA LYS A 673 0.20 53.63 22.26
C LYS A 673 1.07 54.79 22.76
N ASP A 674 0.43 55.87 23.20
CA ASP A 674 1.16 57.01 23.73
C ASP A 674 1.41 56.85 25.23
N SER A 675 0.43 56.30 25.94
CA SER A 675 0.52 56.13 27.40
C SER A 675 1.49 55.04 27.81
N ASN A 676 1.15 53.80 27.47
CA ASN A 676 1.99 52.64 27.75
C ASN A 676 2.45 51.94 26.49
N PRO A 677 3.49 52.49 25.84
CA PRO A 677 4.00 51.93 24.57
C PRO A 677 4.34 50.44 24.67
N GLU A 678 4.94 50.04 25.78
CA GLU A 678 5.28 48.64 26.01
C GLU A 678 4.02 47.79 26.12
N LEU A 679 3.10 48.23 26.97
CA LEU A 679 1.84 47.52 27.18
C LEU A 679 0.98 47.51 25.92
N ALA A 680 0.92 48.65 25.22
CA ALA A 680 0.10 48.78 24.02
C ALA A 680 0.50 47.80 22.92
N GLN A 681 1.75 47.36 22.94
CA GLN A 681 2.22 46.41 21.94
C GLN A 681 1.87 44.97 22.32
N LEU A 682 1.63 44.74 23.61
CA LEU A 682 1.14 43.46 24.08
C LEU A 682 -0.29 43.33 23.58
N LEU A 683 -1.06 44.40 23.77
CA LEU A 683 -2.44 44.42 23.34
C LEU A 683 -2.53 44.25 21.84
N LEU A 684 -1.62 44.92 21.12
CA LEU A 684 -1.60 44.89 19.66
C LEU A 684 -1.41 43.47 19.13
N GLU A 685 -0.33 42.83 19.56
CA GLU A 685 -0.04 41.46 19.13
C GLU A 685 -1.14 40.50 19.54
N GLN A 686 -1.83 40.80 20.63
CA GLN A 686 -2.95 39.97 21.06
C GLN A 686 -4.10 40.10 20.07
N ILE A 687 -4.38 41.35 19.65
CA ILE A 687 -5.43 41.61 18.68
C ILE A 687 -5.11 40.90 17.36
N TYR A 688 -3.86 40.98 16.94
CA TYR A 688 -3.40 40.31 15.72
C TYR A 688 -3.57 38.80 15.86
N ASP A 689 -3.02 38.22 16.92
CA ASP A 689 -3.16 36.78 17.13
C ASP A 689 -4.62 36.34 17.24
N ASN A 690 -5.46 37.13 17.90
CA ASN A 690 -6.89 36.80 18.02
C ASN A 690 -7.61 36.74 16.69
N ALA A 691 -7.39 37.76 15.87
CA ALA A 691 -7.93 37.79 14.53
C ALA A 691 -7.38 36.61 13.70
N MET A 692 -6.09 36.34 13.84
CA MET A 692 -5.48 35.14 13.22
C MET A 692 -6.20 33.85 13.62
N ILE A 693 -6.57 33.75 14.89
CA ILE A 693 -7.28 32.58 15.38
C ILE A 693 -8.69 32.55 14.79
N ALA A 694 -9.37 33.71 14.76
CA ALA A 694 -10.72 33.79 14.19
C ALA A 694 -10.77 33.38 12.71
N ALA A 695 -9.72 33.69 11.96
CA ALA A 695 -9.61 33.31 10.56
C ALA A 695 -9.14 31.86 10.39
N GLY A 696 -8.91 31.17 11.51
CA GLY A 696 -8.53 29.77 11.45
C GLY A 696 -7.14 29.56 10.90
N LEU A 697 -6.29 30.58 11.06
CA LEU A 697 -4.92 30.52 10.57
C LEU A 697 -3.95 30.17 11.68
N ASN A 698 -4.49 29.93 12.88
CA ASN A 698 -3.68 29.51 14.02
C ASN A 698 -4.51 28.67 14.99
N GLU A 699 -4.63 27.37 14.71
CA GLU A 699 -5.44 26.50 15.55
C GLU A 699 -4.70 25.98 16.79
N ASP A 700 -3.40 26.25 16.85
CA ASP A 700 -2.57 25.92 18.02
C ASP A 700 -1.90 27.19 18.55
N PRO A 701 -2.62 27.94 19.39
CA PRO A 701 -2.17 29.22 19.94
C PRO A 701 -1.18 29.13 21.10
N ARG A 702 -0.58 27.96 21.30
CA ARG A 702 0.43 27.81 22.35
C ARG A 702 1.55 28.87 22.37
N PRO A 703 2.03 29.32 21.18
CA PRO A 703 3.09 30.34 21.24
C PRO A 703 2.70 31.67 21.87
N MET A 704 1.40 31.97 21.97
CA MET A 704 0.97 33.28 22.45
C MET A 704 0.68 33.31 23.95
N ILE A 705 0.52 32.14 24.55
CA ILE A 705 0.01 32.05 25.91
C ILE A 705 0.82 32.84 26.95
N SER A 706 2.15 32.64 26.97
CA SER A 706 2.99 33.34 27.92
C SER A 706 2.82 34.85 27.81
N ARG A 707 2.86 35.34 26.57
CA ARG A 707 2.72 36.76 26.29
C ARG A 707 1.37 37.25 26.79
N LEU A 708 0.32 36.48 26.48
CA LEU A 708 -1.01 36.82 26.96
C LEU A 708 -1.09 36.88 28.49
N ASN A 709 -0.48 35.93 29.18
CA ASN A 709 -0.41 35.96 30.63
C ASN A 709 0.32 37.22 31.17
N GLN A 710 1.27 37.73 30.39
CA GLN A 710 1.95 38.98 30.74
C GLN A 710 1.00 40.17 30.53
N LEU A 711 0.29 40.17 29.41
CA LEU A 711 -0.69 41.21 29.12
C LEU A 711 -1.75 41.31 30.20
N LEU A 712 -2.41 40.19 30.49
CA LEU A 712 -3.43 40.12 31.53
C LEU A 712 -2.94 40.68 32.86
N THR A 713 -1.74 40.27 33.27
CA THR A 713 -1.17 40.68 34.54
C THR A 713 -0.91 42.20 34.60
N ARG A 714 -0.30 42.75 33.56
CA ARG A 714 -0.02 44.19 33.50
C ARG A 714 -1.31 45.00 33.43
N ALA A 715 -2.32 44.42 32.77
CA ALA A 715 -3.61 45.06 32.62
C ALA A 715 -4.33 45.20 33.97
N LEU A 716 -3.99 44.33 34.90
CA LEU A 716 -4.67 44.28 36.18
C LEU A 716 -3.91 44.93 37.35
N GLU A 717 -3.50 46.18 37.17
CA GLU A 717 -3.04 46.97 38.32
C GLU A 717 -4.25 47.62 38.99
N LYS A 718 -5.23 46.79 39.35
CA LYS A 718 -6.43 47.23 40.04
C LYS A 718 -6.29 46.99 41.54
N THR B 85 -16.92 -37.49 19.59
CA THR B 85 -16.31 -36.17 19.66
C THR B 85 -15.30 -35.95 18.53
N LEU B 86 -14.83 -37.05 17.94
CA LEU B 86 -13.94 -36.98 16.79
C LEU B 86 -14.55 -37.81 15.67
N HIS B 87 -14.36 -37.34 14.44
CA HIS B 87 -14.86 -38.07 13.29
C HIS B 87 -13.77 -38.26 12.25
N ASN B 88 -13.25 -39.48 12.16
CA ASN B 88 -12.23 -39.82 11.18
C ASN B 88 -12.59 -41.09 10.43
N ILE B 89 -12.03 -41.25 9.24
CA ILE B 89 -12.30 -42.40 8.39
C ILE B 89 -10.97 -42.93 7.87
N ILE B 90 -9.92 -42.16 8.07
CA ILE B 90 -8.58 -42.54 7.63
C ILE B 90 -8.03 -43.60 8.58
N THR B 91 -7.82 -44.80 8.06
CA THR B 91 -7.22 -45.88 8.83
C THR B 91 -6.25 -46.67 7.97
N ASP B 92 -5.13 -47.09 8.57
CA ASP B 92 -4.14 -47.88 7.87
C ASP B 92 -4.71 -49.29 7.68
N THR B 93 -5.39 -49.51 6.56
CA THR B 93 -6.07 -50.77 6.29
C THR B 93 -5.72 -51.36 4.93
N GLU B 94 -5.03 -50.57 4.11
CA GLU B 94 -4.80 -50.95 2.73
C GLU B 94 -3.63 -51.90 2.58
N ASN B 95 -3.80 -52.94 1.78
CA ASN B 95 -2.72 -53.89 1.53
C ASN B 95 -2.55 -54.24 0.06
N VAL B 96 -1.30 -54.33 -0.38
CA VAL B 96 -1.02 -54.64 -1.77
C VAL B 96 -1.24 -56.11 -2.06
N GLN B 97 -1.89 -56.41 -3.18
CA GLN B 97 -2.14 -57.79 -3.59
C GLN B 97 -1.40 -58.06 -4.90
N GLY B 98 -0.63 -59.13 -4.93
CA GLY B 98 0.06 -59.55 -6.14
C GLY B 98 1.13 -58.55 -6.59
N SER B 99 1.56 -58.68 -7.83
CA SER B 99 2.63 -57.84 -8.35
C SER B 99 2.18 -56.44 -8.79
N PHE B 100 3.16 -55.63 -9.17
CA PHE B 100 2.93 -54.28 -9.63
C PHE B 100 3.36 -54.18 -11.09
N SER B 101 2.83 -53.19 -11.79
CA SER B 101 3.31 -52.87 -13.13
C SER B 101 4.04 -51.54 -13.10
N LYS B 102 5.07 -51.39 -13.93
CA LYS B 102 5.78 -50.11 -14.02
C LYS B 102 5.25 -49.29 -15.19
N HIS B 103 5.31 -47.97 -15.03
CA HIS B 103 4.80 -47.05 -16.04
C HIS B 103 5.66 -45.81 -16.15
N GLU B 104 5.72 -45.24 -17.35
CA GLU B 104 6.36 -43.93 -17.54
C GLU B 104 5.30 -42.85 -17.69
N PHE B 105 5.54 -41.70 -17.06
CA PHE B 105 4.66 -40.55 -17.25
C PHE B 105 4.65 -40.16 -18.72
N GLN B 106 3.52 -39.64 -19.16
CA GLN B 106 3.35 -39.16 -20.53
C GLN B 106 2.88 -37.71 -20.48
N ALA B 107 2.68 -37.11 -21.65
CA ALA B 107 2.20 -35.74 -21.72
C ALA B 107 1.16 -35.54 -22.83
N GLU B 108 0.10 -34.79 -22.54
CA GLU B 108 -0.87 -34.40 -23.57
C GLU B 108 -0.27 -33.17 -24.29
N THR B 109 0.56 -33.42 -25.29
CA THR B 109 1.34 -32.37 -25.97
C THR B 109 0.49 -31.21 -26.52
N LYS B 110 -0.59 -31.53 -27.24
CA LYS B 110 -1.45 -30.51 -27.83
C LYS B 110 -2.05 -29.58 -26.78
N LYS B 111 -2.54 -30.14 -25.68
CA LYS B 111 -3.11 -29.30 -24.64
C LYS B 111 -2.03 -28.44 -23.96
N LEU B 112 -0.83 -28.99 -23.83
CA LEU B 112 0.30 -28.24 -23.29
C LEU B 112 0.66 -27.02 -24.14
N LEU B 113 0.71 -27.22 -25.45
CA LEU B 113 0.88 -26.09 -26.37
C LEU B 113 -0.17 -25.02 -26.13
N ASP B 114 -1.41 -25.45 -25.92
CA ASP B 114 -2.49 -24.51 -25.64
C ASP B 114 -2.32 -23.78 -24.30
N ILE B 115 -1.91 -24.49 -23.27
CA ILE B 115 -1.66 -23.87 -21.98
C ILE B 115 -0.57 -22.78 -22.06
N VAL B 116 0.50 -23.06 -22.80
CA VAL B 116 1.53 -22.04 -22.94
C VAL B 116 1.01 -20.80 -23.70
N ALA B 117 0.12 -21.01 -24.67
CA ALA B 117 -0.37 -19.92 -25.49
C ALA B 117 -1.54 -19.13 -24.87
N ARG B 118 -2.26 -19.71 -23.92
CA ARG B 118 -3.44 -19.03 -23.40
C ARG B 118 -3.43 -18.83 -21.88
N SER B 119 -2.63 -19.63 -21.16
CA SER B 119 -2.78 -19.70 -19.71
C SER B 119 -1.49 -19.59 -18.90
N LEU B 120 -0.36 -19.42 -19.58
CA LEU B 120 0.93 -19.40 -18.87
C LEU B 120 1.34 -18.00 -18.42
N TYR B 121 1.39 -17.06 -19.36
CA TYR B 121 1.80 -15.68 -19.09
C TYR B 121 0.57 -14.80 -18.88
N SER B 122 0.51 -14.07 -17.78
CA SER B 122 -0.64 -13.23 -17.49
C SER B 122 -0.81 -12.03 -18.44
N GLU B 123 0.28 -11.62 -19.12
CA GLU B 123 0.20 -10.53 -20.10
C GLU B 123 0.79 -10.94 -21.44
N LYS B 124 0.11 -10.57 -22.52
CA LYS B 124 0.51 -10.98 -23.85
C LYS B 124 1.87 -10.41 -24.28
N GLU B 125 2.13 -9.15 -23.93
CA GLU B 125 3.29 -8.37 -24.42
C GLU B 125 4.62 -9.12 -24.20
N VAL B 126 4.59 -10.01 -23.23
CA VAL B 126 5.75 -10.68 -22.71
C VAL B 126 6.48 -11.56 -23.73
N PHE B 127 5.80 -11.93 -24.81
CA PHE B 127 6.48 -12.69 -25.86
C PHE B 127 7.71 -11.93 -26.40
N ILE B 128 7.63 -10.59 -26.41
CA ILE B 128 8.77 -9.78 -26.82
C ILE B 128 9.98 -10.03 -25.90
N ARG B 129 9.72 -10.03 -24.59
CA ARG B 129 10.75 -10.32 -23.60
C ARG B 129 11.33 -11.69 -23.92
N GLU B 130 10.47 -12.68 -24.13
CA GLU B 130 10.93 -14.05 -24.35
C GLU B 130 11.78 -14.22 -25.62
N LEU B 131 11.42 -13.54 -26.71
CA LEU B 131 12.17 -13.72 -27.95
C LEU B 131 13.52 -12.99 -27.84
N ILE B 132 13.52 -11.78 -27.28
CA ILE B 132 14.77 -11.03 -27.07
C ILE B 132 15.75 -11.80 -26.16
N SER B 133 15.23 -12.42 -25.09
CA SER B 133 16.08 -13.22 -24.20
C SER B 133 16.73 -14.37 -24.95
N ASN B 134 15.95 -14.99 -25.84
CA ASN B 134 16.45 -16.05 -26.70
C ASN B 134 17.58 -15.54 -27.59
N GLY B 135 17.39 -14.34 -28.12
CA GLY B 135 18.38 -13.75 -28.99
C GLY B 135 19.62 -13.43 -28.20
N SER B 136 19.45 -12.93 -26.98
CA SER B 136 20.59 -12.68 -26.09
C SER B 136 21.40 -13.95 -25.80
N ASP B 137 20.72 -15.04 -25.47
CA ASP B 137 21.41 -16.31 -25.17
C ASP B 137 22.17 -16.83 -26.38
N ALA B 138 21.59 -16.65 -27.56
CA ALA B 138 22.22 -17.13 -28.80
C ALA B 138 23.51 -16.35 -29.10
N LEU B 139 23.47 -15.06 -28.82
CA LEU B 139 24.65 -14.22 -28.96
C LEU B 139 25.70 -14.60 -27.90
N GLU B 140 25.24 -14.84 -26.69
CA GLU B 140 26.14 -15.21 -25.58
C GLU B 140 26.90 -16.50 -25.91
N LYS B 141 26.20 -17.49 -26.46
CA LYS B 141 26.83 -18.74 -26.86
C LYS B 141 27.85 -18.55 -27.99
N LEU B 142 27.57 -17.61 -28.89
CA LEU B 142 28.50 -17.28 -29.97
C LEU B 142 29.69 -16.54 -29.39
N ARG B 143 29.42 -15.61 -28.47
CA ARG B 143 30.51 -14.85 -27.84
C ARG B 143 31.44 -15.83 -27.16
N HIS B 144 30.85 -16.86 -26.57
CA HIS B 144 31.63 -17.88 -25.88
C HIS B 144 32.40 -18.74 -26.88
N ARG B 145 31.79 -19.02 -28.03
CA ARG B 145 32.46 -19.78 -29.07
C ARG B 145 33.68 -19.03 -29.57
N MET B 146 33.54 -17.71 -29.72
CA MET B 146 34.60 -16.88 -30.30
C MET B 146 35.83 -16.71 -29.41
N ILE B 147 35.70 -17.09 -28.14
CA ILE B 147 36.87 -17.18 -27.27
C ILE B 147 37.84 -18.20 -27.88
N THR B 148 37.29 -19.29 -28.43
CA THR B 148 38.07 -20.27 -29.18
C THR B 148 37.79 -20.15 -30.67
N THR B 153 34.99 -11.78 -35.15
CA THR B 153 34.70 -10.38 -34.81
C THR B 153 33.36 -9.89 -35.40
N ALA B 154 32.52 -10.82 -35.87
CA ALA B 154 31.21 -10.49 -36.45
C ALA B 154 30.32 -9.74 -35.46
N PRO B 155 29.51 -8.79 -35.96
CA PRO B 155 28.72 -7.93 -35.06
C PRO B 155 27.64 -8.72 -34.32
N MET B 156 27.56 -8.50 -33.02
CA MET B 156 26.60 -9.22 -32.22
C MET B 156 25.49 -8.29 -31.83
N GLU B 157 24.32 -8.52 -32.42
CA GLU B 157 23.21 -7.60 -32.25
C GLU B 157 21.86 -8.29 -32.44
N ILE B 158 20.82 -7.54 -32.09
CA ILE B 158 19.43 -8.02 -32.15
C ILE B 158 18.58 -6.96 -32.84
N HIS B 159 17.86 -7.36 -33.87
CA HIS B 159 17.09 -6.41 -34.66
C HIS B 159 15.60 -6.73 -34.57
N LEU B 160 14.79 -5.68 -34.44
CA LEU B 160 13.35 -5.82 -34.41
C LEU B 160 12.75 -5.00 -35.56
N GLN B 161 11.67 -5.52 -36.13
CA GLN B 161 10.97 -4.81 -37.18
C GLN B 161 9.47 -5.06 -37.09
N THR B 162 8.72 -3.98 -37.27
CA THR B 162 7.26 -4.02 -37.21
C THR B 162 6.78 -3.57 -38.58
N ASP B 163 5.81 -4.31 -39.13
CA ASP B 163 5.13 -3.95 -40.38
C ASP B 163 3.63 -3.92 -40.11
N SER B 164 3.08 -2.72 -39.94
CA SER B 164 1.67 -2.59 -39.61
C SER B 164 0.78 -2.91 -40.80
N VAL B 165 1.36 -2.93 -41.99
CA VAL B 165 0.62 -3.31 -43.20
C VAL B 165 0.46 -4.83 -43.30
N LYS B 166 1.57 -5.57 -43.14
CA LYS B 166 1.52 -7.03 -43.21
C LYS B 166 1.08 -7.65 -41.89
N GLY B 167 1.14 -6.88 -40.81
CA GLY B 167 0.78 -7.37 -39.50
C GLY B 167 1.84 -8.33 -39.01
N THR B 168 3.08 -7.89 -39.05
CA THR B 168 4.17 -8.75 -38.63
C THR B 168 5.10 -8.11 -37.60
N PHE B 169 5.62 -8.97 -36.73
CA PHE B 169 6.66 -8.65 -35.78
C PHE B 169 7.84 -9.52 -36.17
N THR B 170 9.01 -8.91 -36.34
CA THR B 170 10.18 -9.68 -36.74
C THR B 170 11.36 -9.44 -35.81
N ILE B 171 11.97 -10.52 -35.33
CA ILE B 171 13.20 -10.42 -34.56
C ILE B 171 14.29 -11.26 -35.22
N GLN B 172 15.47 -10.68 -35.35
CA GLN B 172 16.65 -11.35 -35.90
C GLN B 172 17.88 -11.12 -35.02
N ASP B 173 18.55 -12.20 -34.61
CA ASP B 173 19.83 -12.05 -33.92
C ASP B 173 20.94 -12.57 -34.82
N THR B 174 22.14 -12.04 -34.61
CA THR B 174 23.31 -12.52 -35.35
C THR B 174 24.07 -13.58 -34.54
N GLY B 175 23.33 -14.39 -33.77
CA GLY B 175 23.92 -15.39 -32.89
C GLY B 175 24.22 -16.77 -33.47
N VAL B 176 24.38 -17.75 -32.56
CA VAL B 176 24.89 -19.08 -32.91
C VAL B 176 24.02 -19.83 -33.93
N GLY B 177 22.76 -19.43 -34.06
CA GLY B 177 21.85 -20.09 -34.98
C GLY B 177 21.57 -21.52 -34.55
N MET B 178 20.89 -22.27 -35.40
CA MET B 178 20.56 -23.65 -35.10
C MET B 178 20.72 -24.51 -36.36
N ASN B 179 21.16 -25.75 -36.19
CA ASN B 179 21.14 -26.70 -37.30
C ASN B 179 19.77 -27.37 -37.38
N LYS B 180 19.59 -28.23 -38.36
CA LYS B 180 18.36 -29.02 -38.48
C LYS B 180 18.05 -29.74 -37.18
N GLU B 181 19.00 -30.55 -36.71
CA GLU B 181 18.82 -31.35 -35.52
C GLU B 181 18.60 -30.49 -34.26
N ASP B 182 19.12 -29.26 -34.27
CA ASP B 182 18.86 -28.29 -33.20
C ASP B 182 17.47 -27.68 -33.31
N LEU B 183 17.10 -27.32 -34.54
CA LEU B 183 15.77 -26.79 -34.82
C LEU B 183 14.66 -27.73 -34.37
N VAL B 184 14.81 -29.00 -34.71
CA VAL B 184 13.77 -29.99 -34.41
C VAL B 184 13.66 -30.27 -32.92
N SER B 185 14.80 -30.48 -32.27
CA SER B 185 14.77 -30.84 -30.86
C SER B 185 14.42 -29.65 -29.96
N ASN B 186 15.13 -28.53 -30.11
CA ASN B 186 14.89 -27.36 -29.27
C ASN B 186 13.50 -26.74 -29.43
N LEU B 187 13.15 -26.36 -30.66
CA LEU B 187 11.86 -25.72 -30.93
C LEU B 187 10.71 -26.73 -30.91
N GLY B 188 10.98 -27.93 -31.42
CA GLY B 188 9.96 -28.95 -31.53
C GLY B 188 9.59 -29.69 -30.25
N THR B 189 10.36 -29.50 -29.18
CA THR B 189 10.11 -30.22 -27.93
C THR B 189 9.86 -29.31 -26.73
N ILE B 190 8.64 -29.37 -26.18
CA ILE B 190 8.28 -28.59 -24.99
C ILE B 190 9.19 -28.99 -23.85
N ALA B 191 9.76 -27.99 -23.19
CA ALA B 191 10.69 -28.14 -22.07
C ALA B 191 12.11 -28.54 -22.45
N ARG B 192 12.38 -28.75 -23.73
CA ARG B 192 13.78 -28.92 -24.14
C ARG B 192 14.47 -27.56 -24.27
N SER B 193 15.53 -27.37 -23.49
CA SER B 193 16.28 -26.13 -23.47
C SER B 193 17.72 -26.37 -23.87
N GLY B 194 18.07 -25.95 -25.09
CA GLY B 194 19.45 -25.99 -25.53
C GLY B 194 20.30 -25.13 -24.62
N SER B 195 19.75 -23.99 -24.22
CA SER B 195 20.43 -23.04 -23.34
C SER B 195 20.82 -23.69 -22.01
N LYS B 196 19.90 -24.45 -21.45
CA LYS B 196 20.15 -25.11 -20.18
C LYS B 196 21.25 -26.17 -20.29
N ALA B 197 21.24 -26.94 -21.38
CA ALA B 197 22.28 -27.94 -21.60
C ALA B 197 23.64 -27.26 -21.74
N PHE B 198 23.66 -26.10 -22.39
CA PHE B 198 24.88 -25.32 -22.57
C PHE B 198 25.49 -24.94 -21.22
N LEU B 199 24.66 -24.39 -20.33
CA LEU B 199 25.09 -23.98 -19.00
C LEU B 199 25.63 -25.15 -18.17
N ASP B 200 24.97 -26.30 -18.27
CA ASP B 200 25.35 -27.49 -17.53
C ASP B 200 26.70 -28.06 -17.99
N ALA B 201 27.16 -27.60 -19.15
CA ALA B 201 28.40 -28.08 -19.72
C ALA B 201 29.56 -27.09 -19.54
N LEU B 202 29.32 -26.00 -18.80
CA LEU B 202 30.34 -24.96 -18.65
C LEU B 202 31.24 -25.09 -17.41
N GLN B 203 31.27 -26.28 -16.82
CA GLN B 203 32.07 -26.56 -15.62
C GLN B 203 33.55 -26.21 -15.81
N ALA B 208 31.65 -16.34 -18.18
CA ALA B 208 31.94 -17.15 -16.99
C ALA B 208 31.43 -18.60 -17.01
N SER B 209 30.12 -18.84 -17.21
CA SER B 209 29.13 -17.82 -17.56
C SER B 209 27.88 -17.85 -16.65
N SER B 210 27.17 -16.71 -16.65
CA SER B 210 26.06 -16.48 -15.72
C SER B 210 25.09 -15.51 -16.35
N SER B 211 25.25 -15.28 -17.65
CA SER B 211 24.43 -14.34 -18.39
C SER B 211 23.31 -14.99 -19.21
N ILE B 212 23.36 -16.32 -19.33
CA ILE B 212 22.31 -17.05 -20.02
C ILE B 212 21.00 -16.92 -19.25
N ILE B 213 19.91 -16.65 -19.97
CA ILE B 213 18.63 -16.40 -19.33
C ILE B 213 17.78 -17.66 -19.29
N GLY B 214 17.77 -18.39 -20.40
CA GLY B 214 16.92 -19.57 -20.56
C GLY B 214 17.19 -20.91 -19.88
N GLN B 215 16.20 -21.39 -19.12
CA GLN B 215 16.25 -22.73 -18.52
C GLN B 215 15.09 -23.70 -18.69
N PHE B 216 13.87 -23.17 -18.75
CA PHE B 216 12.65 -23.99 -18.83
C PHE B 216 12.33 -24.66 -20.19
N GLY B 217 12.78 -24.08 -21.29
CA GLY B 217 12.49 -24.65 -22.59
C GLY B 217 11.08 -24.44 -23.12
N VAL B 218 10.39 -23.39 -22.67
CA VAL B 218 9.04 -23.11 -23.16
C VAL B 218 8.84 -21.68 -23.65
N GLY B 219 9.77 -20.78 -23.32
CA GLY B 219 9.60 -19.37 -23.63
C GLY B 219 9.26 -19.09 -25.10
N PHE B 220 9.79 -19.92 -25.99
CA PHE B 220 9.58 -19.72 -27.41
C PHE B 220 8.09 -19.78 -27.82
N TYR B 221 7.32 -20.64 -27.16
CA TYR B 221 5.92 -20.81 -27.54
C TYR B 221 5.05 -19.63 -27.14
N SER B 222 5.61 -18.70 -26.37
CA SER B 222 4.94 -17.42 -26.11
C SER B 222 4.56 -16.71 -27.42
N ALA B 223 5.31 -16.97 -28.50
CA ALA B 223 4.96 -16.39 -29.78
C ALA B 223 3.51 -16.72 -30.19
N PHE B 224 3.03 -17.89 -29.78
CA PHE B 224 1.67 -18.29 -30.15
C PHE B 224 0.57 -17.60 -29.34
N MET B 225 0.95 -16.89 -28.28
CA MET B 225 0.02 -15.99 -27.62
C MET B 225 -0.47 -14.94 -28.61
N VAL B 226 0.39 -14.50 -29.51
CA VAL B 226 0.07 -13.35 -30.35
C VAL B 226 0.10 -13.60 -31.86
N ALA B 227 0.52 -14.79 -32.28
CA ALA B 227 0.61 -15.08 -33.71
C ALA B 227 -0.01 -16.42 -34.05
N ASP B 228 -0.78 -16.46 -35.13
CA ASP B 228 -1.35 -17.73 -35.57
C ASP B 228 -0.44 -18.40 -36.60
N LYS B 229 0.70 -17.78 -36.89
CA LYS B 229 1.70 -18.35 -37.79
C LYS B 229 3.11 -17.86 -37.45
N VAL B 230 4.04 -18.80 -37.28
CA VAL B 230 5.43 -18.47 -36.95
C VAL B 230 6.43 -19.08 -37.96
N GLU B 231 7.27 -18.22 -38.52
CA GLU B 231 8.35 -18.67 -39.39
C GLU B 231 9.71 -18.45 -38.73
N VAL B 232 10.58 -19.45 -38.78
CA VAL B 232 11.93 -19.33 -38.24
C VAL B 232 12.96 -19.70 -39.32
N TYR B 233 13.88 -18.78 -39.61
CA TYR B 233 15.00 -19.06 -40.50
C TYR B 233 16.27 -19.03 -39.68
N SER B 234 17.07 -20.09 -39.77
CA SER B 234 18.28 -20.20 -38.95
C SER B 234 19.48 -20.73 -39.74
N GLN B 235 20.67 -20.24 -39.38
CA GLN B 235 21.93 -20.68 -39.98
C GLN B 235 22.95 -20.97 -38.88
N SER B 236 23.30 -22.24 -38.71
CA SER B 236 24.30 -22.66 -37.73
C SER B 236 25.70 -22.15 -38.11
N ALA B 237 26.62 -22.23 -37.15
CA ALA B 237 27.97 -21.70 -37.32
C ALA B 237 29.04 -22.78 -37.14
N GLU B 238 29.86 -23.01 -38.16
CA GLU B 238 29.70 -22.36 -39.47
C GLU B 238 28.63 -22.97 -40.40
N ALA B 239 28.57 -24.29 -40.56
CA ALA B 239 29.55 -25.29 -40.15
C ALA B 239 29.59 -26.28 -41.29
N ASP B 240 29.57 -25.75 -42.51
CA ASP B 240 29.17 -26.50 -43.70
C ASP B 240 27.75 -27.04 -43.51
N ALA B 241 26.91 -26.22 -42.89
CA ALA B 241 25.50 -26.54 -42.67
C ALA B 241 24.61 -25.50 -43.37
N PRO B 242 23.61 -25.98 -44.11
CA PRO B 242 22.76 -25.10 -44.92
C PRO B 242 21.74 -24.39 -44.05
N GLY B 243 21.03 -23.41 -44.62
CA GLY B 243 20.02 -22.69 -43.86
C GLY B 243 18.78 -23.55 -43.76
N TYR B 244 17.88 -23.20 -42.84
CA TYR B 244 16.61 -23.90 -42.72
C TYR B 244 15.46 -22.96 -42.40
N LYS B 245 14.27 -23.32 -42.88
CA LYS B 245 13.04 -22.63 -42.48
C LYS B 245 12.17 -23.57 -41.65
N TRP B 246 11.73 -23.09 -40.50
CA TRP B 246 10.84 -23.82 -39.60
C TRP B 246 9.53 -23.04 -39.61
N SER B 247 8.39 -23.73 -39.62
CA SER B 247 7.10 -23.06 -39.68
C SER B 247 6.01 -23.88 -39.02
N SER B 248 5.10 -23.21 -38.34
CA SER B 248 4.01 -23.85 -37.62
C SER B 248 2.94 -22.82 -37.29
N ASP B 249 1.74 -23.28 -36.92
CA ASP B 249 0.70 -22.38 -36.44
C ASP B 249 0.52 -22.49 -34.92
N GLY B 250 1.28 -23.40 -34.31
CA GLY B 250 1.28 -23.57 -32.86
C GLY B 250 0.38 -24.68 -32.37
N SER B 251 -0.18 -25.42 -33.32
CA SER B 251 -1.04 -26.55 -33.01
C SER B 251 -0.50 -27.81 -33.66
N GLY B 252 -0.05 -28.75 -32.83
CA GLY B 252 0.30 -30.08 -33.31
C GLY B 252 1.56 -30.33 -34.11
N VAL B 253 1.72 -29.64 -35.25
CA VAL B 253 2.78 -29.97 -36.20
C VAL B 253 3.60 -28.76 -36.63
N PHE B 254 4.75 -29.03 -37.27
CA PHE B 254 5.57 -27.99 -37.84
C PHE B 254 6.39 -28.55 -38.99
N GLU B 255 6.79 -27.69 -39.91
CA GLU B 255 7.54 -28.13 -41.09
C GLU B 255 8.93 -27.52 -41.11
N VAL B 256 9.91 -28.30 -41.52
CA VAL B 256 11.27 -27.80 -41.64
C VAL B 256 11.81 -28.06 -43.03
N ALA B 257 12.12 -26.98 -43.74
CA ALA B 257 12.64 -27.07 -45.09
C ALA B 257 13.99 -26.40 -45.16
N GLU B 258 14.76 -26.72 -46.19
CA GLU B 258 16.10 -26.16 -46.34
C GLU B 258 16.00 -24.83 -47.08
N ALA B 259 16.83 -23.87 -46.70
CA ALA B 259 16.80 -22.54 -47.34
C ALA B 259 18.19 -21.96 -47.62
N SER B 260 18.24 -20.97 -48.50
CA SER B 260 19.51 -20.49 -49.06
C SER B 260 19.96 -19.10 -48.61
N GLY B 261 19.01 -18.16 -48.53
CA GLY B 261 19.39 -16.80 -48.20
C GLY B 261 19.44 -16.54 -46.70
N VAL B 262 19.88 -17.54 -45.95
CA VAL B 262 19.83 -17.45 -44.48
C VAL B 262 21.14 -16.96 -43.87
N ARG B 263 21.05 -15.81 -43.19
CA ARG B 263 22.20 -15.21 -42.53
C ARG B 263 22.56 -15.96 -41.24
N GLN B 264 23.85 -15.97 -40.91
CA GLN B 264 24.32 -16.46 -39.64
C GLN B 264 23.42 -15.90 -38.53
N GLY B 265 22.83 -16.77 -37.74
CA GLY B 265 21.94 -16.31 -36.68
C GLY B 265 20.54 -16.85 -36.89
N THR B 266 19.55 -16.09 -36.42
CA THR B 266 18.16 -16.57 -36.43
C THR B 266 17.17 -15.46 -36.71
N LYS B 267 16.27 -15.70 -37.66
CA LYS B 267 15.22 -14.76 -37.98
C LYS B 267 13.84 -15.37 -37.66
N ILE B 268 13.04 -14.67 -36.87
CA ILE B 268 11.71 -15.13 -36.54
C ILE B 268 10.65 -14.08 -36.90
N VAL B 269 9.63 -14.51 -37.65
CA VAL B 269 8.60 -13.60 -38.11
C VAL B 269 7.25 -14.04 -37.53
N LEU B 270 6.57 -13.11 -36.87
CA LEU B 270 5.26 -13.41 -36.30
C LEU B 270 4.21 -12.77 -37.19
N HIS B 271 3.29 -13.59 -37.69
CA HIS B 271 2.13 -13.08 -38.37
C HIS B 271 1.08 -12.94 -37.28
N LEU B 272 0.88 -11.70 -36.84
CA LEU B 272 0.08 -11.41 -35.65
C LEU B 272 -1.40 -11.77 -35.86
N LYS B 273 -2.00 -12.45 -34.90
CA LYS B 273 -3.44 -12.64 -34.95
C LYS B 273 -4.12 -11.27 -34.81
N ASP B 274 -5.41 -11.22 -35.13
CA ASP B 274 -6.11 -9.94 -35.27
C ASP B 274 -6.28 -9.11 -34.01
N ASP B 275 -6.43 -9.76 -32.86
CA ASP B 275 -6.62 -9.00 -31.61
C ASP B 275 -5.28 -8.51 -31.05
N CYS B 276 -4.19 -8.74 -31.79
CA CYS B 276 -2.84 -8.45 -31.30
C CYS B 276 -2.07 -7.55 -32.26
N LYS B 277 -2.77 -6.66 -32.96
CA LYS B 277 -2.11 -5.85 -33.99
C LYS B 277 -1.26 -4.74 -33.41
N GLU B 278 -1.40 -4.51 -32.12
CA GLU B 278 -0.70 -3.44 -31.44
C GLU B 278 0.81 -3.68 -31.47
N PHE B 279 1.20 -4.94 -31.65
CA PHE B 279 2.59 -5.33 -31.65
C PHE B 279 3.22 -5.21 -33.04
N SER B 280 2.49 -4.59 -33.96
CA SER B 280 3.07 -4.16 -35.22
C SER B 280 3.25 -2.65 -35.15
N SER B 281 3.00 -2.10 -33.96
CA SER B 281 3.19 -0.66 -33.74
C SER B 281 4.56 -0.38 -33.12
N GLU B 282 5.39 0.35 -33.85
CA GLU B 282 6.77 0.64 -33.41
C GLU B 282 6.85 1.15 -31.97
N ASP B 283 5.99 2.11 -31.65
CA ASP B 283 5.96 2.70 -30.33
C ASP B 283 5.56 1.71 -29.25
N ARG B 284 4.63 0.81 -29.58
CA ARG B 284 4.19 -0.20 -28.62
C ARG B 284 5.31 -1.20 -28.34
N VAL B 285 5.92 -1.72 -29.41
CA VAL B 285 7.05 -2.64 -29.27
C VAL B 285 8.17 -1.99 -28.47
N LYS B 286 8.47 -0.73 -28.77
CA LYS B 286 9.53 -0.02 -28.05
C LYS B 286 9.25 0.10 -26.54
N GLU B 287 7.98 0.34 -26.18
CA GLU B 287 7.55 0.39 -24.78
C GLU B 287 7.91 -0.91 -24.08
N VAL B 288 7.72 -2.03 -24.76
CA VAL B 288 7.91 -3.35 -24.17
C VAL B 288 9.38 -3.69 -23.99
N VAL B 289 10.18 -3.37 -25.01
CA VAL B 289 11.62 -3.57 -24.97
C VAL B 289 12.20 -2.84 -23.79
N THR B 290 11.94 -1.54 -23.73
CA THR B 290 12.33 -0.68 -22.61
C THR B 290 11.87 -1.25 -21.27
N LYS B 291 10.65 -1.77 -21.23
CA LYS B 291 10.11 -2.28 -19.97
C LYS B 291 10.89 -3.47 -19.41
N TYR B 292 11.06 -4.53 -20.20
CA TYR B 292 11.68 -5.75 -19.72
C TYR B 292 13.16 -5.88 -20.06
N SER B 293 13.56 -5.36 -21.22
CA SER B 293 14.84 -5.72 -21.82
C SER B 293 15.82 -4.56 -21.93
N ASN B 294 15.68 -3.56 -21.08
CA ASN B 294 16.49 -2.36 -21.21
C ASN B 294 17.96 -2.56 -20.84
N PHE B 295 18.26 -3.70 -20.20
CA PHE B 295 19.62 -4.01 -19.70
C PHE B 295 20.27 -5.21 -20.38
N VAL B 296 19.61 -5.73 -21.41
CA VAL B 296 20.17 -6.80 -22.23
C VAL B 296 21.55 -6.38 -22.74
N SER B 297 22.52 -7.27 -22.69
CA SER B 297 23.92 -6.84 -22.90
C SER B 297 24.33 -6.75 -24.37
N PHE B 298 23.36 -6.71 -25.27
CA PHE B 298 23.66 -6.59 -26.70
C PHE B 298 22.83 -5.47 -27.30
N PRO B 299 23.38 -4.80 -28.32
CA PRO B 299 22.62 -3.70 -28.93
C PRO B 299 21.30 -4.21 -29.48
N ILE B 300 20.26 -3.43 -29.31
CA ILE B 300 18.98 -3.78 -29.90
C ILE B 300 18.60 -2.65 -30.83
N PHE B 301 18.31 -2.98 -32.08
CA PHE B 301 17.90 -1.99 -33.07
C PHE B 301 16.41 -2.23 -33.35
N LEU B 302 15.63 -1.17 -33.44
CA LEU B 302 14.21 -1.32 -33.80
C LEU B 302 13.95 -0.49 -35.04
N ASN B 303 13.49 -1.15 -36.11
CA ASN B 303 13.35 -0.53 -37.44
C ASN B 303 14.57 0.34 -37.81
N GLY B 304 15.78 -0.19 -37.59
CA GLY B 304 16.99 0.48 -38.04
C GLY B 304 17.53 1.52 -37.08
N ARG B 305 16.80 1.79 -36.00
CA ARG B 305 17.19 2.80 -35.02
C ARG B 305 17.61 2.13 -33.72
N ARG B 306 18.82 2.44 -33.27
CA ARG B 306 19.40 1.78 -32.09
C ARG B 306 18.71 2.21 -30.80
N LEU B 307 18.29 1.26 -30.00
CA LEU B 307 17.62 1.60 -28.73
C LEU B 307 18.66 1.93 -27.65
N ASN B 308 18.33 2.87 -26.79
CA ASN B 308 19.24 3.34 -25.77
C ASN B 308 19.25 2.38 -24.58
N THR B 309 19.96 1.27 -24.70
CA THR B 309 20.04 0.31 -23.61
C THR B 309 21.02 0.80 -22.54
N LEU B 310 20.81 0.33 -21.32
CA LEU B 310 21.59 0.82 -20.19
C LEU B 310 22.42 -0.28 -19.58
N GLN B 311 23.45 0.14 -18.83
CA GLN B 311 24.25 -0.76 -18.03
C GLN B 311 23.50 -1.10 -16.75
N ALA B 312 23.60 -2.34 -16.33
CA ALA B 312 23.01 -2.77 -15.05
C ALA B 312 23.92 -2.38 -13.89
N LEU B 313 23.77 -1.16 -13.39
CA LEU B 313 24.70 -0.61 -12.38
C LEU B 313 24.76 -1.48 -11.13
N TRP B 314 23.67 -2.15 -10.81
CA TRP B 314 23.57 -2.88 -9.55
C TRP B 314 24.53 -4.08 -9.51
N MET B 315 24.92 -4.58 -10.68
CA MET B 315 25.84 -5.71 -10.78
C MET B 315 27.30 -5.27 -10.86
N MET B 316 27.55 -3.97 -10.90
CA MET B 316 28.90 -3.47 -11.11
C MET B 316 29.56 -3.03 -9.80
N GLU B 317 30.89 -2.86 -9.84
CA GLU B 317 31.65 -2.41 -8.69
C GLU B 317 31.25 -1.00 -8.28
N PRO B 318 30.91 -0.79 -6.99
CA PRO B 318 30.49 0.52 -6.48
C PRO B 318 31.43 1.66 -6.83
N LYS B 319 32.73 1.36 -6.83
CA LYS B 319 33.78 2.33 -7.07
C LYS B 319 33.90 2.70 -8.55
N ASP B 320 33.32 1.90 -9.42
CA ASP B 320 33.33 2.20 -10.86
C ASP B 320 32.09 2.99 -11.27
N ILE B 321 31.36 3.50 -10.29
CA ILE B 321 30.17 4.27 -10.61
C ILE B 321 30.28 5.68 -10.07
N SER B 322 30.24 6.64 -10.98
CA SER B 322 30.30 8.04 -10.60
C SER B 322 28.98 8.53 -10.05
N GLU B 323 29.02 9.69 -9.43
CA GLU B 323 27.81 10.35 -8.96
C GLU B 323 26.85 10.56 -10.12
N TRP B 324 27.44 10.93 -11.26
CA TRP B 324 26.68 11.22 -12.45
C TRP B 324 25.91 10.01 -12.97
N GLN B 325 26.58 8.85 -13.00
CA GLN B 325 25.91 7.62 -13.44
C GLN B 325 24.76 7.25 -12.50
N HIS B 326 24.94 7.51 -11.20
CA HIS B 326 23.86 7.21 -10.25
C HIS B 326 22.66 8.12 -10.55
N GLU B 327 22.94 9.41 -10.75
CA GLU B 327 21.95 10.40 -11.10
C GLU B 327 21.10 9.90 -12.26
N GLU B 328 21.78 9.57 -13.35
CA GLU B 328 21.09 9.10 -14.55
C GLU B 328 20.31 7.81 -14.27
N PHE B 329 20.93 6.86 -13.59
CA PHE B 329 20.27 5.60 -13.30
C PHE B 329 19.06 5.79 -12.39
N TYR B 330 19.23 6.60 -11.35
CA TYR B 330 18.13 6.97 -10.46
C TYR B 330 16.95 7.55 -11.28
N ARG B 331 17.25 8.48 -12.18
CA ARG B 331 16.19 9.09 -12.95
C ARG B 331 15.44 8.06 -13.78
N TYR B 332 16.15 7.11 -14.38
CA TYR B 332 15.49 6.03 -15.10
C TYR B 332 14.60 5.15 -14.18
N VAL B 333 15.16 4.60 -13.10
CA VAL B 333 14.40 3.63 -12.30
C VAL B 333 13.28 4.24 -11.46
N ALA B 334 13.39 5.53 -11.15
CA ALA B 334 12.36 6.21 -10.38
C ALA B 334 11.48 7.08 -11.29
N GLN B 335 11.78 7.07 -12.58
CA GLN B 335 11.05 7.88 -13.55
C GLN B 335 10.89 9.29 -12.98
N ALA B 336 12.01 9.88 -12.61
CA ALA B 336 12.05 11.15 -11.90
C ALA B 336 12.85 12.14 -12.73
N TYR B 337 12.85 13.39 -12.30
CA TYR B 337 13.58 14.44 -13.00
C TYR B 337 14.60 15.12 -12.09
N ASP B 338 14.59 14.74 -10.81
CA ASP B 338 15.51 15.31 -9.83
C ASP B 338 16.66 14.33 -9.63
N LYS B 339 17.43 14.51 -8.58
CA LYS B 339 18.55 13.61 -8.30
C LYS B 339 18.49 12.99 -6.91
N PRO B 340 19.26 11.91 -6.66
CA PRO B 340 19.21 11.29 -5.32
C PRO B 340 20.03 12.08 -4.30
N ARG B 341 19.52 12.20 -3.09
CA ARG B 341 20.28 12.83 -2.02
C ARG B 341 21.14 11.78 -1.29
N TYR B 342 20.68 10.53 -1.30
CA TYR B 342 21.49 9.41 -0.80
C TYR B 342 21.49 8.28 -1.78
N THR B 343 22.60 7.55 -1.80
CA THR B 343 22.73 6.40 -2.67
C THR B 343 23.30 5.25 -1.84
N LEU B 344 22.55 4.17 -1.70
CA LEU B 344 23.05 2.97 -1.03
C LEU B 344 23.24 1.87 -2.05
N HIS B 345 24.48 1.52 -2.31
CA HIS B 345 24.77 0.46 -3.26
C HIS B 345 25.14 -0.76 -2.43
N TYR B 346 24.27 -1.75 -2.38
CA TYR B 346 24.45 -2.86 -1.45
C TYR B 346 24.65 -4.20 -2.14
N ARG B 347 25.77 -4.82 -1.77
CA ARG B 347 26.22 -6.08 -2.32
CA ARG B 347 26.18 -6.11 -2.32
C ARG B 347 26.49 -7.09 -1.19
N ALA B 348 25.95 -8.30 -1.29
CA ALA B 348 26.24 -9.35 -0.30
C ALA B 348 26.17 -10.73 -0.94
N ASP B 349 26.82 -11.70 -0.32
CA ASP B 349 26.78 -13.08 -0.81
C ASP B 349 26.24 -14.07 0.23
N ALA B 350 26.48 -13.76 1.49
CA ALA B 350 25.93 -14.52 2.63
C ALA B 350 25.14 -13.57 3.55
N PRO B 351 24.00 -14.05 4.10
CA PRO B 351 23.36 -15.35 3.87
C PRO B 351 22.80 -15.50 2.46
N LEU B 352 22.54 -14.38 1.79
CA LEU B 352 21.89 -14.41 0.49
C LEU B 352 22.65 -13.62 -0.54
N ASN B 353 22.72 -14.12 -1.76
CA ASN B 353 23.16 -13.30 -2.87
C ASN B 353 22.24 -12.07 -3.01
N ILE B 354 22.83 -10.87 -2.94
CA ILE B 354 22.11 -9.63 -3.15
C ILE B 354 22.94 -8.67 -4.01
N ARG B 355 22.29 -8.06 -4.99
CA ARG B 355 22.87 -6.96 -5.75
C ARG B 355 21.79 -5.90 -5.90
N SER B 356 21.99 -4.75 -5.26
CA SER B 356 20.93 -3.77 -5.17
C SER B 356 21.49 -2.37 -5.07
N ILE B 357 20.66 -1.40 -5.43
CA ILE B 357 20.94 -0.01 -5.23
C ILE B 357 19.65 0.64 -4.73
N PHE B 358 19.74 1.42 -3.65
CA PHE B 358 18.61 2.22 -3.24
C PHE B 358 18.94 3.72 -3.26
N TYR B 359 17.94 4.53 -3.58
CA TYR B 359 18.09 5.97 -3.59
C TYR B 359 17.05 6.61 -2.71
N VAL B 360 17.42 7.73 -2.08
CA VAL B 360 16.44 8.64 -1.49
C VAL B 360 16.40 9.90 -2.35
N PRO B 361 15.21 10.27 -2.86
CA PRO B 361 15.11 11.42 -3.76
C PRO B 361 15.56 12.71 -3.03
N GLU B 362 16.15 13.66 -3.74
CA GLU B 362 16.41 14.99 -3.20
C GLU B 362 15.08 15.73 -2.98
N MET B 363 14.10 15.45 -3.83
CA MET B 363 12.74 15.94 -3.65
C MET B 363 12.15 15.51 -2.31
N LYS B 364 11.38 16.41 -1.69
CA LYS B 364 10.48 16.04 -0.61
C LYS B 364 9.41 15.10 -1.14
N PRO B 365 8.93 14.18 -0.30
CA PRO B 365 7.90 13.28 -0.80
C PRO B 365 6.57 14.01 -0.98
N SER B 366 5.83 13.67 -2.02
CA SER B 366 4.51 14.28 -2.24
C SER B 366 3.57 13.75 -1.16
N MET B 367 2.87 14.65 -0.46
CA MET B 367 1.94 14.19 0.57
C MET B 367 0.73 13.46 -0.06
N PHE B 368 0.29 13.93 -1.22
CA PHE B 368 -0.73 13.24 -2.01
C PHE B 368 -0.26 11.81 -2.33
N ASP B 369 1.01 11.67 -2.70
CA ASP B 369 1.54 10.37 -3.09
C ASP B 369 1.76 9.45 -1.89
N VAL B 370 2.02 10.05 -0.72
CA VAL B 370 2.18 9.29 0.53
C VAL B 370 0.91 8.49 0.87
N SER B 371 -0.24 9.07 0.58
CA SER B 371 -1.53 8.42 0.83
C SER B 371 -1.98 7.40 -0.23
N ARG B 372 -1.40 7.46 -1.43
CA ARG B 372 -1.73 6.52 -2.51
C ARG B 372 -1.00 5.18 -2.38
N GLU B 373 -1.55 4.15 -3.03
CA GLU B 373 -0.88 2.85 -3.16
C GLU B 373 -0.14 2.83 -4.50
N MET B 374 1.15 3.16 -4.46
CA MET B 374 1.93 3.33 -5.68
C MET B 374 2.86 2.15 -5.97
N SER B 376 6.83 -2.12 -5.88
CA SER B 376 6.22 -0.94 -6.50
C SER B 376 7.20 0.21 -6.57
N SER B 377 7.93 0.43 -5.48
CA SER B 377 8.88 1.53 -5.41
C SER B 377 10.26 1.05 -5.87
N VAL B 378 10.52 -0.22 -5.60
CA VAL B 378 11.77 -0.86 -5.97
C VAL B 378 11.48 -1.98 -6.98
N ALA B 379 12.28 -2.02 -8.05
CA ALA B 379 12.08 -2.99 -9.13
C ALA B 379 12.97 -4.21 -8.91
N LEU B 380 12.52 -5.36 -9.39
CA LEU B 380 13.22 -6.61 -9.18
C LEU B 380 13.73 -7.22 -10.47
N TYR B 381 15.04 -7.47 -10.54
CA TYR B 381 15.62 -8.00 -11.77
C TYR B 381 16.25 -9.37 -11.59
N SER B 382 16.42 -10.06 -12.71
CA SER B 382 17.10 -11.35 -12.72
C SER B 382 17.80 -11.56 -14.07
N ARG B 383 19.12 -11.75 -14.01
CA ARG B 383 19.97 -11.82 -15.21
C ARG B 383 19.61 -10.66 -16.14
N LYS B 384 19.58 -9.45 -15.58
CA LYS B 384 19.37 -8.23 -16.34
C LYS B 384 17.97 -8.11 -16.92
N ILE B 385 17.05 -9.01 -16.55
CA ILE B 385 15.68 -8.92 -17.09
C ILE B 385 14.70 -8.53 -16.00
N LEU B 386 13.85 -7.53 -16.27
CA LEU B 386 12.86 -7.11 -15.28
C LEU B 386 11.92 -8.28 -14.88
N ILE B 387 11.63 -8.42 -13.59
CA ILE B 387 10.59 -9.33 -13.10
C ILE B 387 9.37 -8.49 -12.65
N GLN B 388 8.16 -8.82 -13.07
CA GLN B 388 7.02 -8.01 -12.62
C GLN B 388 6.55 -8.26 -11.16
N THR B 389 7.36 -7.84 -10.19
CA THR B 389 6.98 -7.90 -8.76
C THR B 389 7.80 -6.93 -7.88
N ASP B 393 6.51 -5.76 -1.11
CA ASP B 393 6.95 -7.12 -0.82
C ASP B 393 8.42 -7.21 -0.37
N ILE B 394 9.31 -6.54 -1.11
CA ILE B 394 10.75 -6.68 -0.88
C ILE B 394 11.26 -5.81 0.27
N LEU B 395 10.62 -4.67 0.45
CA LEU B 395 10.97 -3.69 1.48
C LEU B 395 9.77 -3.59 2.42
N PRO B 396 10.01 -3.29 3.70
CA PRO B 396 8.90 -3.00 4.61
C PRO B 396 8.15 -1.77 4.09
N LYS B 397 6.89 -1.61 4.46
CA LYS B 397 6.08 -0.49 3.98
C LYS B 397 6.72 0.86 4.33
N TRP B 398 7.25 0.96 5.55
CA TRP B 398 7.87 2.22 5.96
C TRP B 398 9.09 2.63 5.14
N LEU B 399 9.64 1.71 4.36
CA LEU B 399 10.76 2.06 3.47
C LEU B 399 10.31 2.29 2.01
N ARG B 400 9.04 2.59 1.81
CA ARG B 400 8.52 2.77 0.44
C ARG B 400 8.99 4.05 -0.25
N PHE B 401 9.68 4.93 0.49
CA PHE B 401 10.20 6.15 -0.12
C PHE B 401 11.47 5.84 -0.90
N LEU B 402 12.11 4.71 -0.61
CA LEU B 402 13.31 4.30 -1.33
C LEU B 402 12.98 3.92 -2.78
N ARG B 403 13.85 4.30 -3.70
N ARG B 403 13.86 4.30 -3.70
CA ARG B 403 13.69 3.87 -5.09
CA ARG B 403 13.73 3.88 -5.09
C ARG B 403 14.92 3.04 -5.47
C ARG B 403 14.93 3.05 -5.47
N GLY B 404 14.85 2.33 -6.57
CA GLY B 404 15.99 1.57 -7.03
C GLY B 404 15.64 0.13 -7.39
N VAL B 405 16.60 -0.75 -7.13
CA VAL B 405 16.58 -2.05 -7.77
C VAL B 405 17.17 -3.12 -6.86
N VAL B 406 16.56 -4.31 -6.88
CA VAL B 406 17.05 -5.44 -6.11
C VAL B 406 17.17 -6.61 -7.05
N ASP B 407 18.24 -7.39 -6.89
CA ASP B 407 18.44 -8.59 -7.69
C ASP B 407 19.00 -9.62 -6.74
N SER B 408 18.44 -10.84 -6.77
CA SER B 408 18.95 -11.94 -5.97
C SER B 408 18.87 -13.30 -6.65
N GLU B 409 20.03 -13.88 -6.91
CA GLU B 409 20.14 -15.21 -7.51
C GLU B 409 19.48 -16.32 -6.65
N ASP B 410 19.14 -16.00 -5.41
CA ASP B 410 18.49 -16.97 -4.53
C ASP B 410 16.95 -16.99 -4.66
N ILE B 411 16.38 -16.02 -5.38
CA ILE B 411 14.94 -15.99 -5.61
C ILE B 411 14.59 -16.81 -6.86
N PRO B 412 14.01 -18.00 -6.67
CA PRO B 412 13.63 -18.74 -7.89
C PRO B 412 12.36 -18.15 -8.52
N LEU B 413 12.24 -18.28 -9.84
CA LEU B 413 11.10 -17.74 -10.55
C LEU B 413 10.18 -18.86 -10.98
N ASN B 414 8.90 -18.53 -11.05
CA ASN B 414 7.91 -19.44 -11.56
C ASN B 414 8.09 -19.54 -13.07
N LEU B 415 7.36 -20.47 -13.69
CA LEU B 415 7.53 -20.81 -15.10
C LEU B 415 7.32 -19.62 -16.03
N SER B 416 6.44 -18.70 -15.66
CA SER B 416 6.10 -17.60 -16.57
C SER B 416 6.89 -16.36 -16.21
N ARG B 417 7.78 -16.51 -15.22
CA ARG B 417 8.76 -15.47 -14.89
C ARG B 417 8.14 -14.17 -14.37
N GLU B 418 7.16 -14.30 -13.51
CA GLU B 418 6.48 -13.13 -12.99
C GLU B 418 6.07 -13.33 -11.55
N LEU B 419 6.34 -14.52 -11.02
CA LEU B 419 6.04 -14.81 -9.62
C LEU B 419 7.33 -15.24 -8.90
N LEU B 420 7.54 -14.74 -7.70
CA LEU B 420 8.71 -15.08 -6.87
C LEU B 420 8.40 -16.24 -5.95
N GLN B 421 9.22 -17.29 -5.97
CA GLN B 421 8.97 -18.45 -5.10
C GLN B 421 9.66 -18.28 -3.75
N GLU B 422 9.31 -19.13 -2.79
CA GLU B 422 9.93 -19.16 -1.46
C GLU B 422 9.68 -17.87 -0.67
N SER B 423 8.46 -17.71 -0.16
CA SER B 423 8.08 -16.50 0.58
C SER B 423 8.85 -16.28 1.89
N ALA B 424 9.36 -17.35 2.47
CA ALA B 424 10.20 -17.22 3.66
C ALA B 424 11.56 -16.59 3.33
N LEU B 425 12.11 -16.89 2.16
CA LEU B 425 13.40 -16.31 1.73
C LEU B 425 13.22 -14.84 1.43
N ILE B 426 12.05 -14.49 0.93
CA ILE B 426 11.75 -13.09 0.64
C ILE B 426 11.67 -12.25 1.92
N ARG B 427 11.00 -12.76 2.96
CA ARG B 427 10.89 -12.03 4.22
C ARG B 427 12.26 -11.89 4.84
N LYS B 428 13.08 -12.92 4.66
CA LYS B 428 14.46 -12.93 5.11
C LYS B 428 15.26 -11.83 4.37
N LEU B 429 15.10 -11.77 3.05
CA LEU B 429 15.70 -10.69 2.25
C LEU B 429 15.19 -9.34 2.74
N ARG B 430 13.88 -9.27 3.00
CA ARG B 430 13.28 -8.03 3.49
C ARG B 430 13.91 -7.62 4.83
N ASP B 431 13.99 -8.56 5.78
CA ASP B 431 14.66 -8.33 7.07
C ASP B 431 16.11 -7.84 6.89
N VAL B 432 16.86 -8.47 5.97
CA VAL B 432 18.25 -8.08 5.76
C VAL B 432 18.33 -6.67 5.18
N LEU B 433 17.44 -6.36 4.25
CA LEU B 433 17.42 -5.04 3.61
C LEU B 433 17.07 -3.95 4.59
N GLN B 434 16.06 -4.20 5.41
CA GLN B 434 15.67 -3.25 6.46
C GLN B 434 16.84 -2.88 7.36
N GLN B 435 17.58 -3.89 7.82
CA GLN B 435 18.68 -3.61 8.75
CA GLN B 435 18.69 -3.65 8.75
C GLN B 435 19.86 -2.95 8.06
N ARG B 436 20.13 -3.33 6.81
CA ARG B 436 21.19 -2.65 6.07
C ARG B 436 20.84 -1.18 5.83
N VAL B 437 19.57 -0.89 5.60
CA VAL B 437 19.15 0.48 5.33
C VAL B 437 19.26 1.34 6.58
N ILE B 438 18.94 0.75 7.73
CA ILE B 438 19.04 1.45 9.00
C ILE B 438 20.52 1.77 9.28
N ARG B 439 21.39 0.80 9.07
CA ARG B 439 22.82 1.01 9.23
C ARG B 439 23.32 2.15 8.34
N PHE B 440 22.96 2.09 7.05
CA PHE B 440 23.30 3.14 6.08
C PHE B 440 22.84 4.51 6.58
N LEU B 441 21.60 4.59 7.02
CA LEU B 441 21.05 5.88 7.41
C LEU B 441 21.74 6.39 8.67
N LEU B 442 22.05 5.46 9.59
CA LEU B 442 22.79 5.81 10.80
C LEU B 442 24.16 6.37 10.45
N ASP B 443 24.86 5.73 9.50
CA ASP B 443 26.16 6.21 9.04
C ASP B 443 26.09 7.59 8.38
N GLN B 444 25.00 7.85 7.64
CA GLN B 444 24.81 9.16 7.00
C GLN B 444 24.70 10.25 8.04
N SER B 445 23.99 9.95 9.12
CA SER B 445 23.89 10.85 10.27
C SER B 445 25.29 11.23 10.84
N LYS B 446 26.17 10.24 10.95
CA LYS B 446 27.51 10.47 11.45
C LYS B 446 28.33 11.28 10.47
N LYS B 447 28.34 10.87 9.20
CA LYS B 447 29.07 11.58 8.16
C LYS B 447 28.68 13.06 8.05
N ASP B 448 27.37 13.34 8.06
CA ASP B 448 26.91 14.69 7.80
C ASP B 448 25.58 14.96 8.50
N PRO B 449 25.64 15.33 9.79
CA PRO B 449 24.45 15.56 10.60
C PRO B 449 23.55 16.65 10.04
N GLU B 450 24.12 17.61 9.33
CA GLU B 450 23.31 18.73 8.83
C GLU B 450 22.45 18.28 7.66
N LYS B 451 23.03 17.46 6.78
CA LYS B 451 22.33 16.88 5.65
C LYS B 451 21.31 15.88 6.15
N TYR B 452 21.67 15.14 7.20
CA TYR B 452 20.75 14.16 7.76
C TYR B 452 19.55 14.85 8.39
N ALA B 453 19.77 16.03 9.00
CA ALA B 453 18.65 16.77 9.57
C ALA B 453 17.59 17.12 8.50
N ARG B 454 18.05 17.49 7.30
CA ARG B 454 17.13 17.75 6.19
C ARG B 454 16.44 16.48 5.75
N PHE B 455 17.15 15.36 5.74
CA PHE B 455 16.52 14.09 5.41
C PHE B 455 15.44 13.77 6.44
N PHE B 456 15.79 13.86 7.72
CA PHE B 456 14.87 13.54 8.80
C PHE B 456 13.65 14.46 8.77
N GLU B 457 13.89 15.72 8.44
CA GLU B 457 12.78 16.67 8.32
C GLU B 457 11.84 16.28 7.18
N ASP B 458 12.38 15.77 6.08
CA ASP B 458 11.57 15.45 4.90
C ASP B 458 10.94 14.05 4.97
N TYR B 459 11.63 13.12 5.63
CA TYR B 459 11.23 11.73 5.58
C TYR B 459 10.94 11.11 6.93
N GLY B 460 11.03 11.91 7.99
CA GLY B 460 10.92 11.40 9.35
C GLY B 460 9.61 10.68 9.58
N LEU B 461 8.59 11.11 8.86
CA LEU B 461 7.25 10.55 8.98
C LEU B 461 7.24 9.05 8.72
N PHE B 462 8.09 8.60 7.81
CA PHE B 462 8.19 7.18 7.49
C PHE B 462 8.76 6.34 8.66
N MET B 463 9.75 6.86 9.37
CA MET B 463 10.29 6.17 10.56
C MET B 463 9.24 6.09 11.66
N ARG B 464 8.53 7.19 11.85
CA ARG B 464 7.45 7.25 12.82
C ARG B 464 6.37 6.24 12.50
N GLU B 465 6.04 6.12 11.22
CA GLU B 465 5.08 5.10 10.79
C GLU B 465 5.62 3.70 11.10
N GLY B 466 6.87 3.44 10.70
CA GLY B 466 7.47 2.14 10.92
C GLY B 466 7.45 1.69 12.38
N ILE B 467 7.72 2.62 13.29
CA ILE B 467 7.74 2.32 14.72
C ILE B 467 6.34 2.00 15.22
N VAL B 468 5.35 2.77 14.76
CA VAL B 468 3.98 2.61 15.23
C VAL B 468 3.31 1.34 14.68
N THR B 469 3.64 0.96 13.45
CA THR B 469 2.94 -0.17 12.86
C THR B 469 3.63 -1.53 13.03
N THR B 470 4.84 -1.56 13.58
CA THR B 470 5.49 -2.86 13.81
C THR B 470 5.20 -3.40 15.21
N GLY B 471 5.06 -4.71 15.32
CA GLY B 471 4.75 -5.34 16.59
C GLY B 471 6.00 -5.71 17.38
N GLU B 472 7.09 -6.02 16.64
CA GLU B 472 8.38 -6.46 17.22
C GLU B 472 9.12 -5.31 17.93
N GLN B 473 9.39 -5.47 19.22
CA GLN B 473 10.03 -4.41 20.00
C GLN B 473 11.42 -4.05 19.50
N SER B 474 12.20 -5.07 19.18
CA SER B 474 13.56 -4.86 18.71
C SER B 474 13.57 -4.08 17.39
N VAL B 475 12.60 -4.35 16.51
CA VAL B 475 12.45 -3.56 15.28
C VAL B 475 12.10 -2.11 15.57
N LYS B 476 11.16 -1.87 16.50
CA LYS B 476 10.81 -0.52 16.91
C LYS B 476 12.06 0.26 17.35
N GLU B 477 12.87 -0.37 18.19
CA GLU B 477 14.03 0.31 18.74
C GLU B 477 15.10 0.57 17.67
N ASP B 478 15.32 -0.40 16.78
CA ASP B 478 16.25 -0.19 15.69
C ASP B 478 15.87 1.01 14.80
N ILE B 479 14.59 1.14 14.47
CA ILE B 479 14.09 2.25 13.66
C ILE B 479 14.23 3.53 14.45
N ALA B 480 13.92 3.44 15.74
CA ALA B 480 13.98 4.60 16.62
C ALA B 480 15.39 5.18 16.74
N LYS B 481 16.40 4.38 16.42
CA LYS B 481 17.76 4.92 16.38
C LYS B 481 17.89 6.06 15.38
N LEU B 482 16.93 6.15 14.47
CA LEU B 482 17.00 7.12 13.36
C LEU B 482 16.37 8.43 13.77
N LEU B 483 15.64 8.42 14.89
CA LEU B 483 14.92 9.59 15.36
C LEU B 483 15.87 10.66 15.92
N ARG B 484 15.54 11.93 15.74
CA ARG B 484 16.36 13.00 16.31
C ARG B 484 15.50 13.98 17.13
N PHE B 485 16.12 14.51 18.18
CA PHE B 485 15.42 15.37 19.11
C PHE B 485 16.38 16.45 19.51
N GLU B 486 15.92 17.43 20.28
CA GLU B 486 16.86 18.30 20.95
C GLU B 486 16.88 17.88 22.41
N SER B 487 17.69 18.53 23.22
CA SER B 487 17.84 18.16 24.62
C SER B 487 17.98 19.37 25.51
N SER B 488 17.51 19.27 26.75
CA SER B 488 17.74 20.33 27.73
C SER B 488 19.21 20.44 28.11
N ALA B 489 20.00 19.42 27.79
CA ALA B 489 21.41 19.43 28.19
C ALA B 489 22.33 19.82 27.03
N LEU B 490 21.74 20.20 25.90
CA LEU B 490 22.54 20.63 24.75
C LEU B 490 22.07 22.01 24.28
N PRO B 491 22.95 22.72 23.55
CA PRO B 491 22.56 24.04 23.02
C PRO B 491 21.34 23.94 22.09
N ALA B 492 20.55 25.00 22.03
CA ALA B 492 19.38 25.09 21.16
C ALA B 492 19.80 24.80 19.71
N GLY B 493 19.00 24.00 19.01
CA GLY B 493 19.28 23.73 17.62
C GLY B 493 20.14 22.49 17.43
N GLN B 494 20.80 22.06 18.49
CA GLN B 494 21.66 20.88 18.39
C GLN B 494 20.85 19.59 18.53
N GLN B 495 20.88 18.78 17.48
N GLN B 495 20.91 18.77 17.49
CA GLN B 495 20.13 17.53 17.47
CA GLN B 495 20.16 17.51 17.43
C GLN B 495 20.89 16.38 18.18
C GLN B 495 20.89 16.34 18.13
N THR B 496 20.12 15.48 18.80
CA THR B 496 20.69 14.33 19.49
C THR B 496 19.79 13.13 19.27
N SER B 497 20.18 11.98 19.80
CA SER B 497 19.43 10.74 19.61
C SER B 497 19.19 10.03 20.93
N LEU B 498 18.35 8.99 20.90
CA LEU B 498 18.06 8.21 22.08
C LEU B 498 19.34 7.56 22.63
N MET B 499 20.20 7.08 21.75
CA MET B 499 21.43 6.42 22.19
C MET B 499 22.41 7.36 22.87
N GLU B 500 22.46 8.61 22.44
CA GLU B 500 23.31 9.60 23.10
C GLU B 500 22.69 9.99 24.44
N TYR B 501 21.36 10.11 24.47
CA TYR B 501 20.65 10.28 25.74
C TYR B 501 21.02 9.14 26.70
N SER B 502 20.88 7.89 26.27
CA SER B 502 21.18 6.73 27.14
C SER B 502 22.60 6.77 27.63
N SER B 503 23.47 7.29 26.78
CA SER B 503 24.90 7.31 27.04
C SER B 503 25.26 8.30 28.15
N ARG B 504 24.45 9.34 28.32
CA ARG B 504 24.68 10.34 29.36
C ARG B 504 23.99 10.00 30.69
N MET B 505 23.23 8.92 30.71
CA MET B 505 22.45 8.59 31.91
C MET B 505 23.33 8.05 33.00
N LYS B 506 22.96 8.31 34.24
CA LYS B 506 23.66 7.72 35.37
C LYS B 506 23.33 6.23 35.48
N ALA B 507 24.18 5.49 36.20
CA ALA B 507 23.94 4.08 36.44
C ALA B 507 22.60 3.85 37.13
N GLY B 508 22.33 4.65 38.16
CA GLY B 508 21.11 4.51 38.94
C GLY B 508 19.79 4.82 38.25
N THR B 509 19.85 5.47 37.09
CA THR B 509 18.64 5.99 36.45
C THR B 509 17.97 4.98 35.50
N ARG B 510 16.64 4.90 35.53
CA ARG B 510 15.92 3.87 34.79
C ARG B 510 14.96 4.45 33.77
N ASN B 511 14.92 5.77 33.65
CA ASN B 511 13.99 6.41 32.73
C ASN B 511 14.56 7.44 31.76
N ILE B 512 13.90 7.52 30.61
CA ILE B 512 14.19 8.53 29.60
C ILE B 512 13.03 9.53 29.59
N TYR B 513 13.35 10.78 29.87
CA TYR B 513 12.34 11.81 30.05
C TYR B 513 12.25 12.64 28.76
N TYR B 514 11.04 12.96 28.33
CA TYR B 514 10.87 13.72 27.10
C TYR B 514 9.75 14.74 27.26
N LEU B 515 9.81 15.80 26.45
CA LEU B 515 8.75 16.80 26.46
C LEU B 515 8.41 17.18 25.04
N CYS B 516 7.13 17.10 24.70
CA CYS B 516 6.67 17.49 23.38
C CYS B 516 6.07 18.91 23.35
N ALA B 517 6.67 19.77 22.54
CA ALA B 517 6.27 21.16 22.35
C ALA B 517 6.60 21.56 20.91
N PRO B 518 5.91 22.58 20.37
CA PRO B 518 6.05 22.90 18.94
C PRO B 518 7.46 23.36 18.52
N ASN B 519 8.20 23.97 19.43
CA ASN B 519 9.54 24.49 19.12
C ASN B 519 10.40 24.60 20.37
N ARG B 520 11.68 24.96 20.22
CA ARG B 520 12.55 24.92 21.39
C ARG B 520 12.29 26.00 22.43
N HIS B 521 11.87 27.18 22.01
CA HIS B 521 11.53 28.22 22.97
C HIS B 521 10.40 27.76 23.89
N LEU B 522 9.36 27.16 23.31
CA LEU B 522 8.22 26.68 24.08
C LEU B 522 8.63 25.53 25.02
N ALA B 523 9.42 24.59 24.51
CA ALA B 523 9.94 23.52 25.36
C ALA B 523 10.74 24.07 26.55
N GLU B 524 11.76 24.87 26.26
CA GLU B 524 12.62 25.47 27.30
C GLU B 524 11.88 26.30 28.34
N HIS B 525 10.78 26.93 27.95
CA HIS B 525 10.04 27.81 28.86
C HIS B 525 8.69 27.24 29.24
N SER B 526 8.49 25.97 28.93
CA SER B 526 7.29 25.23 29.33
C SER B 526 7.15 25.19 30.86
N PRO B 527 5.92 25.37 31.35
CA PRO B 527 5.64 25.14 32.78
C PRO B 527 6.05 23.72 33.17
N TYR B 528 5.86 22.77 32.26
CA TYR B 528 6.24 21.39 32.53
C TYR B 528 7.75 21.23 32.61
N PHE B 529 8.48 22.01 31.84
CA PHE B 529 9.92 21.94 31.95
C PHE B 529 10.43 22.66 33.20
N GLU B 530 9.78 23.76 33.59
CA GLU B 530 10.10 24.42 34.85
C GLU B 530 10.04 23.41 35.99
N ALA B 531 9.01 22.57 35.98
CA ALA B 531 8.84 21.58 37.04
C ALA B 531 9.97 20.55 37.02
N MET B 532 10.40 20.16 35.83
CA MET B 532 11.46 19.17 35.66
C MET B 532 12.86 19.68 35.98
N LYS B 533 13.04 21.00 36.00
CA LYS B 533 14.34 21.59 36.31
C LYS B 533 14.74 21.32 37.76
N GLN B 534 13.75 21.01 38.59
CA GLN B 534 13.97 20.83 40.02
C GLN B 534 14.56 19.46 40.34
N LYS B 535 14.62 18.62 39.31
CA LYS B 535 15.30 17.31 39.35
C LYS B 535 16.59 17.41 38.53
N ASP B 536 17.48 16.44 38.59
CA ASP B 536 18.71 16.59 37.79
C ASP B 536 18.77 15.62 36.63
N MET B 537 17.70 15.61 35.84
CA MET B 537 17.57 14.69 34.74
C MET B 537 17.51 15.46 33.42
N GLU B 538 18.10 14.86 32.40
CA GLU B 538 18.04 15.40 31.05
C GLU B 538 16.65 15.11 30.49
N VAL B 539 16.17 15.99 29.61
CA VAL B 539 14.86 15.88 29.01
C VAL B 539 14.97 16.04 27.50
N LEU B 540 14.55 15.03 26.74
CA LEU B 540 14.50 15.16 25.28
C LEU B 540 13.44 16.17 24.88
N PHE B 541 13.73 16.99 23.87
CA PHE B 541 12.73 17.95 23.37
C PHE B 541 12.27 17.53 21.99
N CYS B 542 10.97 17.25 21.86
CA CYS B 542 10.45 16.72 20.62
CA CYS B 542 10.41 16.70 20.62
C CYS B 542 9.44 17.68 19.97
N PHE B 543 9.77 18.14 18.76
CA PHE B 543 9.01 19.21 18.12
C PHE B 543 7.98 18.78 17.07
N GLU B 544 8.06 17.57 16.54
CA GLU B 544 7.16 17.22 15.43
C GLU B 544 5.81 16.66 15.92
N GLN B 545 4.74 16.96 15.17
CA GLN B 545 3.40 16.73 15.71
C GLN B 545 3.12 15.29 16.15
N PHE B 546 3.74 14.32 15.47
CA PHE B 546 3.51 12.93 15.80
C PHE B 546 4.64 12.30 16.61
N ASP B 547 5.54 13.10 17.15
CA ASP B 547 6.62 12.57 17.99
C ASP B 547 6.05 11.87 19.22
N GLU B 548 5.04 12.49 19.84
CA GLU B 548 4.52 11.93 21.09
C GLU B 548 3.88 10.57 20.89
N LEU B 549 3.02 10.49 19.87
CA LEU B 549 2.40 9.20 19.51
C LEU B 549 3.49 8.13 19.32
N THR B 550 4.52 8.51 18.58
CA THR B 550 5.62 7.61 18.27
C THR B 550 6.27 7.10 19.55
N LEU B 551 6.59 8.01 20.46
CA LEU B 551 7.25 7.62 21.71
C LEU B 551 6.31 6.79 22.60
N LEU B 552 5.00 7.05 22.50
CA LEU B 552 4.01 6.28 23.25
C LEU B 552 4.04 4.84 22.79
N HIS B 553 4.01 4.63 21.47
CA HIS B 553 4.10 3.30 20.90
C HIS B 553 5.45 2.65 21.16
N LEU B 554 6.53 3.44 21.13
CA LEU B 554 7.88 2.86 21.34
C LEU B 554 7.98 2.31 22.76
N ARG B 555 7.49 3.10 23.72
CA ARG B 555 7.28 2.71 25.12
C ARG B 555 8.57 2.64 25.94
N GLU B 556 9.52 1.84 25.48
CA GLU B 556 10.84 1.79 26.10
C GLU B 556 11.95 1.73 25.06
N PHE B 557 13.15 2.13 25.48
CA PHE B 557 14.32 2.02 24.62
C PHE B 557 15.53 1.55 25.43
N ASP B 558 16.22 0.53 24.93
CA ASP B 558 17.43 0.02 25.60
C ASP B 558 17.11 -0.29 27.07
N ARG B 559 15.95 -0.92 27.29
CA ARG B 559 15.49 -1.38 28.62
C ARG B 559 15.10 -0.23 29.56
N LYS B 560 14.98 0.96 29.02
CA LYS B 560 14.64 2.13 29.82
C LYS B 560 13.27 2.68 29.42
N LYS B 561 12.41 2.88 30.41
CA LYS B 561 11.06 3.38 30.19
C LYS B 561 11.06 4.83 29.73
N LEU B 562 10.28 5.10 28.69
CA LEU B 562 10.04 6.46 28.24
C LEU B 562 8.94 7.08 29.10
N ILE B 563 9.20 8.26 29.65
CA ILE B 563 8.23 8.98 30.48
C ILE B 563 8.15 10.44 30.09
N SER B 564 6.94 10.96 29.85
CA SER B 564 6.83 12.39 29.53
C SER B 564 6.96 13.21 30.80
N ALA B 565 7.47 14.43 30.65
CA ALA B 565 7.53 15.37 31.77
C ALA B 565 6.15 15.51 32.46
N GLU B 566 5.10 15.63 31.64
CA GLU B 566 3.75 15.82 32.19
C GLU B 566 3.35 14.66 33.09
N THR B 567 3.50 13.44 32.59
CA THR B 567 3.24 12.22 33.38
C THR B 567 4.05 12.20 34.70
N ASP B 568 5.34 12.49 34.62
CA ASP B 568 6.20 12.44 35.80
C ASP B 568 5.75 13.40 36.89
N ILE B 569 5.25 14.56 36.49
CA ILE B 569 4.78 15.56 37.43
C ILE B 569 3.61 15.02 38.25
N VAL B 570 2.72 14.24 37.61
CA VAL B 570 1.56 13.70 38.32
C VAL B 570 2.02 12.61 39.27
N VAL B 571 2.93 11.78 38.78
CA VAL B 571 3.44 10.68 39.58
C VAL B 571 4.11 11.19 40.86
N ASP B 572 4.73 12.36 40.79
CA ASP B 572 5.42 12.91 41.96
C ASP B 572 4.48 13.23 43.10
N HIS B 573 3.22 13.53 42.75
CA HIS B 573 2.20 13.82 43.75
CA HIS B 573 2.22 13.82 43.76
C HIS B 573 1.95 12.61 44.64
N TYR B 574 2.19 11.43 44.11
CA TYR B 574 1.95 10.20 44.86
C TYR B 574 3.25 9.67 45.46
N LYS B 575 4.29 10.49 45.41
CA LYS B 575 5.58 10.14 45.98
C LYS B 575 5.99 11.20 47.01
N GLU B 576 6.82 10.83 47.97
CA GLU B 576 7.20 11.76 49.02
C GLU B 576 8.21 12.80 48.56
N GLU B 577 8.26 13.02 47.26
CA GLU B 577 9.15 14.00 46.65
C GLU B 577 8.88 15.38 47.26
N LYS B 578 9.90 15.93 47.91
CA LYS B 578 9.82 17.26 48.47
C LYS B 578 10.36 18.26 47.45
N PHE B 579 9.54 19.24 47.10
CA PHE B 579 10.00 20.34 46.27
C PHE B 579 9.84 21.66 47.01
N GLN B 580 10.63 22.66 46.63
CA GLN B 580 10.54 23.98 47.23
C GLN B 580 10.22 25.02 46.16
N ASP B 581 9.37 25.98 46.52
CA ASP B 581 8.97 27.04 45.60
C ASP B 581 10.20 27.88 45.23
N SER B 582 10.26 28.36 43.99
CA SER B 582 11.41 29.15 43.55
C SER B 582 11.32 30.60 44.05
N LYS B 583 10.17 30.95 44.61
CA LYS B 583 9.98 32.23 45.31
C LYS B 583 9.83 31.98 46.81
N PRO B 584 10.44 32.85 47.65
CA PRO B 584 10.34 32.68 49.11
C PRO B 584 8.91 32.87 49.63
N ALA B 585 8.68 32.45 50.87
CA ALA B 585 7.33 32.46 51.46
C ALA B 585 6.69 33.83 51.48
N SER B 586 7.52 34.87 51.70
CA SER B 586 7.04 36.24 51.75
C SER B 586 6.19 36.62 50.54
N GLU B 587 6.54 36.06 49.39
CA GLU B 587 5.94 36.47 48.11
C GLU B 587 4.83 35.53 47.64
N ARG B 588 4.40 34.62 48.50
CA ARG B 588 3.29 33.71 48.19
C ARG B 588 2.10 33.95 49.12
N LEU B 589 0.90 33.65 48.62
CA LEU B 589 -0.31 33.71 49.45
C LEU B 589 -0.13 32.85 50.69
N SER B 590 -0.55 33.36 51.85
CA SER B 590 -0.56 32.55 53.06
C SER B 590 -1.38 31.29 52.82
N SER B 591 -1.17 30.28 53.67
CA SER B 591 -1.91 29.04 53.56
C SER B 591 -3.40 29.32 53.60
N GLU B 592 -3.80 30.12 54.59
CA GLU B 592 -5.20 30.50 54.78
C GLU B 592 -5.79 31.22 53.57
N GLN B 593 -4.94 31.96 52.85
CA GLN B 593 -5.39 32.71 51.68
C GLN B 593 -5.53 31.78 50.48
N ALA B 594 -4.65 30.78 50.43
CA ALA B 594 -4.65 29.83 49.34
C ALA B 594 -5.88 28.94 49.41
N GLU B 595 -6.15 28.39 50.58
CA GLU B 595 -7.31 27.53 50.78
C GLU B 595 -8.58 28.29 50.42
N ASP B 596 -8.64 29.55 50.82
CA ASP B 596 -9.80 30.38 50.55
C ASP B 596 -9.99 30.58 49.03
N LEU B 597 -8.91 30.90 48.35
CA LEU B 597 -8.92 31.02 46.89
C LEU B 597 -9.35 29.71 46.24
N LEU B 598 -8.67 28.63 46.63
CA LEU B 598 -8.99 27.31 46.12
C LEU B 598 -10.47 26.97 46.27
N ALA B 599 -11.05 27.24 47.44
CA ALA B 599 -12.46 26.93 47.67
C ALA B 599 -13.35 27.68 46.67
N TRP B 600 -13.04 28.96 46.46
CA TRP B 600 -13.79 29.77 45.51
C TRP B 600 -13.61 29.26 44.08
N MET B 601 -12.41 28.78 43.73
CA MET B 601 -12.17 28.24 42.41
C MET B 601 -12.92 26.94 42.17
N ARG B 602 -13.03 26.10 43.20
CA ARG B 602 -13.72 24.83 43.03
C ARG B 602 -15.19 25.11 42.76
N ASN B 603 -15.72 26.11 43.47
CA ASN B 603 -17.08 26.55 43.20
C ASN B 603 -17.22 27.16 41.79
N ALA B 604 -16.30 28.03 41.40
CA ALA B 604 -16.41 28.67 40.09
C ALA B 604 -16.18 27.73 38.89
N LEU B 605 -15.45 26.61 39.10
CA LEU B 605 -15.25 25.62 38.04
C LEU B 605 -15.83 24.22 38.30
N VAL B 606 -17.00 24.14 38.94
CA VAL B 606 -17.61 22.84 39.29
C VAL B 606 -17.69 21.87 38.11
N GLN B 607 -18.02 22.40 36.94
CA GLN B 607 -18.26 21.58 35.76
C GLN B 607 -16.98 20.97 35.18
N ARG B 608 -15.87 21.72 35.26
CA ARG B 608 -14.75 21.47 34.37
C ARG B 608 -13.60 20.65 34.92
N VAL B 609 -13.28 20.76 36.22
CA VAL B 609 -12.08 20.11 36.73
C VAL B 609 -12.29 19.15 37.91
N THR B 610 -11.40 18.16 38.01
CA THR B 610 -11.44 17.18 39.08
C THR B 610 -10.93 17.77 40.38
N ASN B 611 -9.68 18.21 40.33
CA ASN B 611 -9.00 18.79 41.48
C ASN B 611 -8.46 20.14 41.10
N ILE B 612 -8.39 21.03 42.08
CA ILE B 612 -7.64 22.24 41.92
C ILE B 612 -6.66 22.27 43.09
N LYS B 613 -5.36 22.30 42.81
CA LYS B 613 -4.38 22.32 43.89
C LYS B 613 -3.30 23.40 43.74
N VAL B 614 -2.59 23.67 44.82
CA VAL B 614 -1.38 24.50 44.79
C VAL B 614 -0.16 23.65 44.40
N THR B 615 0.69 24.18 43.51
CA THR B 615 1.95 23.52 43.17
C THR B 615 3.14 24.40 43.54
N PRO B 616 4.19 23.79 44.07
CA PRO B 616 5.40 24.54 44.41
C PRO B 616 6.40 24.51 43.26
N ARG B 617 5.93 24.07 42.10
CA ARG B 617 6.84 23.71 41.02
C ARG B 617 6.85 24.64 39.82
N LEU B 618 6.13 25.76 39.89
CA LEU B 618 6.13 26.72 38.78
C LEU B 618 6.86 28.01 39.15
N ASP B 619 7.22 28.80 38.14
CA ASP B 619 7.94 30.05 38.35
C ASP B 619 7.30 31.19 37.59
N THR B 620 7.30 31.09 36.27
CA THR B 620 6.80 32.15 35.38
C THR B 620 5.36 31.92 34.93
N HIS B 621 4.82 30.74 35.23
CA HIS B 621 3.45 30.42 34.84
C HIS B 621 2.52 30.49 36.04
N PRO B 622 1.33 31.06 35.83
CA PRO B 622 0.29 31.20 36.86
C PRO B 622 -0.33 29.85 37.25
N ALA B 623 -0.41 28.94 36.29
CA ALA B 623 -1.07 27.67 36.51
C ALA B 623 -0.74 26.67 35.39
N MET B 624 -1.02 25.40 35.64
CA MET B 624 -0.91 24.38 34.59
C MET B 624 -1.98 23.35 34.79
N ILE B 625 -2.27 22.60 33.73
CA ILE B 625 -3.22 21.50 33.82
C ILE B 625 -2.40 20.22 33.80
N THR B 626 -2.66 19.30 34.72
CA THR B 626 -1.97 18.00 34.71
C THR B 626 -2.98 16.86 34.48
N VAL B 627 -2.51 15.81 33.79
CA VAL B 627 -3.29 14.63 33.49
C VAL B 627 -2.29 13.49 33.50
N LEU B 628 -2.55 12.42 34.25
CA LEU B 628 -1.56 11.34 34.36
C LEU B 628 -1.16 10.90 32.96
N GLU B 629 -2.15 10.49 32.17
CA GLU B 629 -1.86 10.03 30.81
C GLU B 629 -2.05 11.14 29.78
N MET B 630 -1.20 12.18 29.89
CA MET B 630 -1.26 13.37 29.04
C MET B 630 -1.12 13.05 27.56
N GLY B 631 -0.11 12.25 27.23
CA GLY B 631 0.15 11.88 25.85
C GLY B 631 -1.09 11.29 25.21
N ALA B 632 -1.66 10.29 25.86
CA ALA B 632 -2.84 9.61 25.30
C ALA B 632 -4.04 10.57 25.24
N ALA B 633 -4.13 11.51 26.17
CA ALA B 633 -5.22 12.49 26.10
C ALA B 633 -5.10 13.42 24.87
N ARG B 634 -3.88 13.87 24.58
CA ARG B 634 -3.64 14.74 23.42
C ARG B 634 -3.99 14.01 22.14
N HIS B 635 -3.66 12.73 22.09
CA HIS B 635 -3.88 11.95 20.89
C HIS B 635 -5.35 11.63 20.71
N PHE B 636 -6.05 11.38 21.82
CA PHE B 636 -7.47 11.04 21.79
C PHE B 636 -8.28 12.21 21.22
N LEU B 637 -7.89 13.43 21.59
CA LEU B 637 -8.51 14.62 21.03
C LEU B 637 -8.15 14.63 19.54
N ARG B 638 -8.87 13.85 18.74
CA ARG B 638 -8.78 13.93 17.28
C ARG B 638 -10.16 13.57 16.76
N THR B 639 -11.14 14.43 17.05
CA THR B 639 -12.53 14.22 16.66
C THR B 639 -13.07 12.91 17.21
N ILE B 652 -15.59 14.80 29.31
CA ILE B 652 -14.23 15.21 28.97
C ILE B 652 -13.20 14.36 29.73
N LEU B 653 -12.33 15.00 30.51
CA LEU B 653 -11.29 14.27 31.25
C LEU B 653 -11.40 14.38 32.77
N GLN B 654 -10.33 13.98 33.43
CA GLN B 654 -10.15 14.22 34.87
C GLN B 654 -8.97 15.16 35.10
N PRO B 655 -9.00 16.37 34.52
CA PRO B 655 -7.77 17.16 34.58
C PRO B 655 -7.62 17.78 35.94
N THR B 656 -6.40 18.12 36.31
CA THR B 656 -6.14 18.84 37.55
C THR B 656 -5.59 20.21 37.17
N LEU B 657 -6.10 21.25 37.83
CA LEU B 657 -5.55 22.58 37.67
C LEU B 657 -4.66 22.88 38.87
N GLU B 658 -3.40 23.22 38.61
CA GLU B 658 -2.45 23.48 39.68
C GLU B 658 -1.99 24.91 39.62
N ILE B 659 -2.00 25.60 40.75
CA ILE B 659 -1.78 27.03 40.76
C ILE B 659 -0.51 27.48 41.48
N ASN B 660 0.09 28.53 40.94
CA ASN B 660 1.29 29.12 41.47
C ASN B 660 0.89 30.31 42.34
N THR B 661 0.88 30.09 43.66
CA THR B 661 0.45 31.14 44.60
C THR B 661 1.52 32.20 44.79
N GLY B 662 2.59 32.10 44.00
CA GLY B 662 3.62 33.12 43.97
C GLY B 662 3.48 33.99 42.73
N HIS B 663 2.60 33.59 41.82
CA HIS B 663 2.44 34.35 40.58
C HIS B 663 1.53 35.55 40.78
N ASP B 664 1.99 36.73 40.36
CA ASP B 664 1.20 37.96 40.50
C ASP B 664 -0.25 37.85 40.02
N LEU B 665 -0.46 37.15 38.91
CA LEU B 665 -1.80 37.00 38.36
C LEU B 665 -2.70 36.24 39.32
N ILE B 666 -2.19 35.15 39.88
CA ILE B 666 -2.91 34.36 40.88
C ILE B 666 -3.21 35.16 42.15
N LYS B 667 -2.20 35.85 42.68
CA LYS B 667 -2.42 36.74 43.82
C LYS B 667 -3.44 37.83 43.49
N LYS B 668 -3.47 38.28 42.24
CA LYS B 668 -4.45 39.29 41.84
C LYS B 668 -5.84 38.66 41.75
N LEU B 669 -5.87 37.39 41.36
CA LEU B 669 -7.12 36.63 41.33
C LEU B 669 -7.68 36.52 42.75
N HIS B 670 -6.81 36.23 43.72
CA HIS B 670 -7.23 36.19 45.13
C HIS B 670 -7.87 37.49 45.58
N ALA B 671 -7.29 38.62 45.16
CA ALA B 671 -7.82 39.93 45.53
C ALA B 671 -9.13 40.20 44.80
N LEU B 672 -9.16 39.89 43.51
CA LEU B 672 -10.29 40.19 42.65
C LEU B 672 -11.57 39.50 43.09
N LYS B 673 -11.46 38.30 43.62
CA LYS B 673 -12.64 37.50 43.97
C LYS B 673 -13.53 38.18 45.00
N ASP B 674 -13.01 39.22 45.67
CA ASP B 674 -13.79 39.99 46.63
C ASP B 674 -14.02 41.43 46.19
N SER B 675 -13.08 42.00 45.43
CA SER B 675 -13.18 43.41 45.01
C SER B 675 -13.99 43.62 43.72
N ASN B 676 -13.89 42.68 42.78
CA ASN B 676 -14.70 42.69 41.56
C ASN B 676 -15.00 41.26 41.15
N PRO B 677 -15.93 40.60 41.87
CA PRO B 677 -16.13 39.15 41.75
C PRO B 677 -16.49 38.66 40.35
N GLU B 678 -17.23 39.46 39.58
CA GLU B 678 -17.61 39.09 38.22
C GLU B 678 -16.40 39.10 37.29
N LEU B 679 -15.55 40.11 37.43
CA LEU B 679 -14.26 40.16 36.73
C LEU B 679 -13.33 39.02 37.15
N ALA B 680 -13.39 38.63 38.41
CA ALA B 680 -12.58 37.49 38.87
C ALA B 680 -12.93 36.21 38.12
N GLN B 681 -14.23 35.97 37.96
CA GLN B 681 -14.68 34.76 37.27
C GLN B 681 -14.23 34.72 35.81
N LEU B 682 -14.35 35.84 35.12
CA LEU B 682 -13.91 35.90 33.72
C LEU B 682 -12.40 35.70 33.63
N LEU B 683 -11.68 36.22 34.62
CA LEU B 683 -10.24 35.99 34.74
C LEU B 683 -9.93 34.53 35.06
N LEU B 684 -10.70 33.95 35.97
CA LEU B 684 -10.52 32.53 36.28
C LEU B 684 -10.77 31.67 35.06
N GLU B 685 -11.84 31.92 34.34
CA GLU B 685 -12.14 31.10 33.17
C GLU B 685 -11.03 31.19 32.12
N GLN B 686 -10.48 32.38 31.91
CA GLN B 686 -9.34 32.56 30.99
C GLN B 686 -8.06 31.86 31.42
N ILE B 687 -7.75 31.93 32.72
CA ILE B 687 -6.58 31.23 33.25
C ILE B 687 -6.71 29.73 32.96
N TYR B 688 -7.89 29.17 33.21
CA TYR B 688 -8.16 27.77 32.92
C TYR B 688 -7.99 27.46 31.43
N ASP B 689 -8.51 28.33 30.57
CA ASP B 689 -8.41 28.15 29.12
C ASP B 689 -6.94 28.20 28.68
N ASN B 690 -6.22 29.17 29.20
CA ASN B 690 -4.80 29.29 28.93
C ASN B 690 -4.01 28.04 29.32
N ALA B 691 -4.25 27.51 30.51
CA ALA B 691 -3.55 26.28 30.93
C ALA B 691 -3.96 25.10 30.03
N MET B 692 -5.23 25.04 29.63
CA MET B 692 -5.68 24.01 28.68
C MET B 692 -4.95 24.09 27.35
N ILE B 693 -4.86 25.31 26.81
CA ILE B 693 -4.11 25.54 25.57
C ILE B 693 -2.66 25.14 25.80
N ALA B 694 -2.06 25.69 26.85
CA ALA B 694 -0.67 25.39 27.15
C ALA B 694 -0.44 23.87 27.30
N ALA B 695 -1.47 23.15 27.74
CA ALA B 695 -1.34 21.70 27.90
C ALA B 695 -1.56 20.94 26.58
N GLY B 696 -1.94 21.66 25.52
CA GLY B 696 -2.27 21.01 24.26
C GLY B 696 -3.57 20.22 24.34
N LEU B 697 -4.43 20.61 25.28
CA LEU B 697 -5.69 19.89 25.50
C LEU B 697 -6.91 20.70 25.09
N ASN B 698 -6.67 21.85 24.46
CA ASN B 698 -7.77 22.72 24.07
C ASN B 698 -8.48 22.26 22.81
N GLU B 699 -9.79 22.47 22.77
CA GLU B 699 -10.55 22.26 21.56
C GLU B 699 -10.33 23.47 20.64
N ASP B 700 -11.18 23.61 19.64
CA ASP B 700 -11.15 24.79 18.78
C ASP B 700 -11.14 26.05 19.65
N PRO B 701 -10.06 26.82 19.60
CA PRO B 701 -9.92 27.99 20.47
C PRO B 701 -10.84 29.14 20.08
N ARG B 702 -11.52 29.03 18.95
CA ARG B 702 -12.33 30.15 18.45
C ARG B 702 -13.47 30.68 19.36
N PRO B 703 -14.16 29.79 20.10
CA PRO B 703 -15.19 30.35 21.01
C PRO B 703 -14.62 31.05 22.23
N MET B 704 -13.33 30.91 22.45
CA MET B 704 -12.67 31.53 23.59
C MET B 704 -12.42 33.02 23.31
N ILE B 705 -12.36 33.37 22.03
CA ILE B 705 -12.00 34.72 21.59
C ILE B 705 -12.89 35.85 22.09
N SER B 706 -14.19 35.78 21.86
CA SER B 706 -15.06 36.85 22.32
C SER B 706 -15.00 36.97 23.86
N ARG B 707 -14.84 35.84 24.53
CA ARG B 707 -14.73 35.81 25.98
C ARG B 707 -13.50 36.59 26.45
N LEU B 708 -12.38 36.38 25.74
CA LEU B 708 -11.11 37.04 26.03
C LEU B 708 -11.22 38.54 25.72
N ASN B 709 -11.78 38.86 24.56
CA ASN B 709 -12.00 40.27 24.19
C ASN B 709 -12.79 41.04 25.23
N GLN B 710 -13.86 40.42 25.73
CA GLN B 710 -14.64 40.99 26.82
C GLN B 710 -13.77 41.16 28.06
N LEU B 711 -12.99 40.14 28.38
CA LEU B 711 -12.12 40.17 29.55
C LEU B 711 -11.11 41.30 29.47
N LEU B 712 -10.47 41.44 28.30
CA LEU B 712 -9.50 42.51 28.07
C LEU B 712 -10.11 43.89 28.30
N THR B 713 -11.19 44.19 27.59
CA THR B 713 -11.88 45.48 27.71
C THR B 713 -12.19 45.80 29.16
N ARG B 714 -12.66 44.78 29.88
CA ARG B 714 -13.14 44.95 31.23
C ARG B 714 -12.00 45.20 32.20
N ALA B 715 -10.79 44.85 31.79
CA ALA B 715 -9.61 45.04 32.64
C ALA B 715 -8.87 46.34 32.33
N LEU B 716 -8.99 46.82 31.09
CA LEU B 716 -8.29 48.03 30.66
C LEU B 716 -9.08 49.31 30.93
N GLU B 717 -9.10 49.77 32.18
CA GLU B 717 -9.73 51.04 32.53
C GLU B 717 -8.93 51.80 33.58
CO CO C . 10.10 -14.61 -51.38
PB ADP D . -7.05 -31.08 -12.68
O1B ADP D . -6.63 -29.65 -12.98
O2B ADP D . -7.57 -31.27 -11.28
O3B ADP D . -7.93 -31.71 -13.75
PA ADP D . -4.98 -32.73 -11.52
O1A ADP D . -5.33 -32.01 -10.21
O2A ADP D . -3.55 -32.95 -12.03
O3A ADP D . -5.69 -31.95 -12.78
O5' ADP D . -5.75 -34.14 -11.59
C5' ADP D . -5.78 -34.77 -12.87
C4' ADP D . -7.02 -35.65 -12.99
O4' ADP D . -6.90 -36.75 -12.07
C3' ADP D . -8.33 -34.97 -12.63
O3' ADP D . -8.93 -34.21 -13.71
C2' ADP D . -9.18 -36.14 -12.19
O2' ADP D . -9.74 -36.76 -13.35
C1' ADP D . -8.17 -37.10 -11.57
N9 ADP D . -8.11 -36.98 -10.10
C8 ADP D . -7.25 -36.22 -9.38
N7 ADP D . -7.49 -36.35 -8.05
C5 ADP D . -8.52 -37.21 -7.91
C6 ADP D . -9.30 -37.79 -6.78
N6 ADP D . -9.01 -37.47 -5.49
N1 ADP D . -10.31 -38.64 -7.08
C2 ADP D . -10.60 -38.98 -8.36
N3 ADP D . -9.94 -38.49 -9.43
C4 ADP D . -8.93 -37.61 -9.26
AL ALF E . -5.68 -28.47 -12.05
F1 ALF E . -7.14 -28.30 -11.07
F2 ALF E . -4.15 -28.67 -12.98
F3 ALF E . -6.16 -27.19 -13.23
F4 ALF E . -5.21 -29.75 -10.87
MG MG F . -6.70 -30.14 -9.81
CO CO G . -21.87 -27.85 -23.08
CO CO H . 27.43 5.97 31.69
CO CO I . 0.84 -50.49 5.27
PB ADP J . 14.62 -21.45 -23.03
O1B ADP J . 14.05 -21.23 -21.63
O2B ADP J . 14.89 -20.10 -23.69
O3B ADP J . 15.63 -22.55 -23.22
PA ADP J . 12.83 -21.59 -25.26
O1A ADP J . 12.82 -20.07 -25.25
O2A ADP J . 11.55 -22.39 -25.49
O3A ADP J . 13.41 -22.11 -23.86
O5' ADP J . 13.93 -22.12 -26.33
C5' ADP J . 14.25 -23.50 -26.47
C4' ADP J . 15.64 -23.62 -27.06
O4' ADP J . 15.65 -23.29 -28.46
C3' ADP J . 16.63 -22.66 -26.42
O3' ADP J . 17.15 -23.19 -25.20
C2' ADP J . 17.67 -22.51 -27.52
O2' ADP J . 18.58 -23.63 -27.47
C1' ADP J . 16.88 -22.63 -28.81
N9 ADP J . 16.64 -21.25 -29.31
C8 ADP J . 15.58 -20.45 -29.07
N7 ADP J . 15.71 -19.25 -29.67
C5 ADP J . 16.88 -19.25 -30.34
C6 ADP J . 17.65 -18.31 -31.19
N6 ADP J . 17.21 -17.06 -31.49
N1 ADP J . 18.83 -18.75 -31.67
C2 ADP J . 19.32 -19.97 -31.40
N3 ADP J . 18.69 -20.88 -30.64
C4 ADP J . 17.48 -20.58 -30.09
AL ALF K . 12.83 -20.00 -21.14
F1 ALF K . 13.04 -20.47 -19.41
F2 ALF K . 12.61 -19.50 -22.85
F3 ALF K . 13.95 -18.62 -20.91
F4 ALF K . 11.61 -21.30 -21.31
MG MG L . 13.79 -18.47 -23.81
#